data_4JLR
#
_entry.id   4JLR
#
_cell.length_a   149.159
_cell.length_b   158.511
_cell.length_c   116.049
_cell.angle_alpha   90.00
_cell.angle_beta   90.00
_cell.angle_gamma   90.00
#
_symmetry.space_group_name_H-M   'C 2 2 21'
#
loop_
_entity.id
_entity.type
_entity.pdbx_description
1 polymer 'Motavizumab Fab heavy chain'
2 polymer 'Motavizumab Fab light chain'
3 polymer 'RSV_1Isea designed scaffold'
4 non-polymer 'PENTAETHYLENE GLYCOL'
5 water water
#
loop_
_entity_poly.entity_id
_entity_poly.type
_entity_poly.pdbx_seq_one_letter_code
_entity_poly.pdbx_strand_id
1 'polypeptide(L)'
;QVTLRESGPALVKPTQTLTLTCTFSGFSLSTAGMSVGWIRQPPGKALEWLADIWWDDKKHYNPSLKDRLTISKDTSANQV
VLKVTNMDPADTATYYCARDMIFNFYFDVWGQGTTVTVSSASTKGPSVFPLAPSSKSTSGGTAALGCLVKDYFPEPVTVS
WNSGALTSGVHTFPAVLQSSGLYSLSSVVTVPSSSLGTQTYICNVNHKPSNTKVDKKVEPKSCDK
;
H,A
2 'polypeptide(L)'
;DIQMTQSPSTLSASVGDRVTITCSASSRVGYMHWYQQKPGKAPKLLIYDTSKLASGVPSRFSGSGSGTAFTLTISSLQPD
DFATYYCFQGSGYPFTFGGGTKVEIKRTVAAPSVFIFPPSDEQLKSGTASVVCLLNNFYPREAKVQWKVDNALQSGNSQE
SVTEQDSKDSTYSLSSTLTLSKADYEKHKVYACEVTHQGLSSPVTKSFNRGEC
;
L,B
3 'polypeptide(L)'
;GSRSDMRKDAERRFDKFVEAAKNKFDKFKAALRKGDIKEERRKDMKKLARKEAEQARRAVRNRLSELLSKINDMPITNDQ
KKLMSNDVLKFAAEAEKKIEALAADAEDKFTQGSWLEHHHHHH
;
S,C
#
loop_
_chem_comp.id
_chem_comp.type
_chem_comp.name
_chem_comp.formula
1PE non-polymer 'PENTAETHYLENE GLYCOL' 'C10 H22 O6'
#
# COMPACT_ATOMS: atom_id res chain seq x y z
N GLN A 1 15.33 6.82 -0.39
CA GLN A 1 16.14 6.30 -1.53
C GLN A 1 15.26 5.50 -2.48
N VAL A 2 14.69 6.16 -3.48
CA VAL A 2 13.99 5.45 -4.53
C VAL A 2 15.02 4.85 -5.48
N THR A 3 14.93 3.54 -5.67
CA THR A 3 15.76 2.81 -6.63
C THR A 3 14.90 1.88 -7.47
N LEU A 4 15.23 1.75 -8.76
CA LEU A 4 14.70 0.68 -9.58
C LEU A 4 15.82 -0.13 -10.25
N ARG A 5 15.56 -1.40 -10.52
CA ARG A 5 16.54 -2.32 -11.06
C ARG A 5 15.89 -3.33 -12.03
N GLU A 6 16.17 -3.16 -13.31
CA GLU A 6 15.68 -4.02 -14.36
C GLU A 6 16.50 -5.29 -14.41
N SER A 7 15.82 -6.42 -14.62
CA SER A 7 16.49 -7.70 -14.83
C SER A 7 15.82 -8.56 -15.92
N GLY A 8 16.59 -9.49 -16.49
CA GLY A 8 16.11 -10.35 -17.59
C GLY A 8 17.27 -10.77 -18.49
N PRO A 9 16.98 -11.57 -19.51
CA PRO A 9 18.04 -12.11 -20.33
C PRO A 9 18.70 -11.05 -21.22
N ALA A 10 20.01 -11.22 -21.44
CA ALA A 10 20.80 -10.38 -22.33
C ALA A 10 20.57 -10.72 -23.80
N LEU A 11 20.05 -11.91 -24.04
CA LEU A 11 20.00 -12.50 -25.36
C LEU A 11 18.67 -13.23 -25.52
N VAL A 12 18.00 -13.00 -26.65
CA VAL A 12 16.73 -13.61 -26.97
C VAL A 12 16.72 -13.95 -28.47
N LYS A 13 16.24 -15.13 -28.82
CA LYS A 13 16.17 -15.54 -30.22
C LYS A 13 14.98 -14.88 -30.90
N PRO A 14 15.10 -14.62 -32.22
CA PRO A 14 13.99 -13.98 -32.93
C PRO A 14 12.73 -14.84 -32.89
N THR A 15 11.57 -14.17 -32.77
CA THR A 15 10.23 -14.78 -32.60
C THR A 15 9.86 -15.16 -31.17
N GLN A 16 10.83 -15.34 -30.30
CA GLN A 16 10.58 -15.68 -28.88
C GLN A 16 10.13 -14.48 -28.07
N THR A 17 9.71 -14.74 -26.85
CA THR A 17 9.18 -13.70 -25.99
C THR A 17 10.22 -13.27 -24.98
N LEU A 18 10.29 -11.98 -24.72
CA LEU A 18 11.18 -11.42 -23.73
C LEU A 18 10.36 -11.07 -22.48
N THR A 19 10.85 -11.47 -21.32
CA THR A 19 10.19 -11.23 -20.05
C THR A 19 11.11 -10.39 -19.20
N LEU A 20 10.74 -9.13 -18.99
CA LEU A 20 11.54 -8.24 -18.16
C LEU A 20 10.90 -7.98 -16.82
N THR A 21 11.71 -7.79 -15.80
CA THR A 21 11.21 -7.55 -14.47
C THR A 21 11.89 -6.35 -13.81
N CYS A 22 11.08 -5.44 -13.29
CA CYS A 22 11.56 -4.31 -12.52
C CYS A 22 11.36 -4.64 -11.07
N THR A 23 12.40 -4.48 -10.27
CA THR A 23 12.29 -4.57 -8.84
C THR A 23 12.64 -3.20 -8.26
N PHE A 24 11.80 -2.67 -7.39
CA PHE A 24 12.02 -1.33 -6.84
C PHE A 24 11.93 -1.32 -5.32
N SER A 25 12.40 -0.22 -4.75
CA SER A 25 12.26 0.01 -3.32
C SER A 25 12.31 1.50 -3.02
N GLY A 26 11.90 1.87 -1.80
CA GLY A 26 11.80 3.29 -1.42
C GLY A 26 10.48 3.93 -1.83
N PHE A 27 9.67 3.21 -2.58
CA PHE A 27 8.29 3.60 -2.81
C PHE A 27 7.50 2.31 -3.04
N SER A 28 6.20 2.45 -3.27
CA SER A 28 5.32 1.28 -3.33
C SER A 28 4.16 1.50 -4.28
N LEU A 29 3.78 0.45 -5.01
CA LEU A 29 2.65 0.53 -5.91
C LEU A 29 1.34 0.33 -5.17
N SER A 30 1.38 0.28 -3.84
CA SER A 30 0.16 0.28 -3.04
C SER A 30 -0.22 1.70 -2.65
N THR A 31 0.69 2.65 -2.88
CA THR A 31 0.44 4.03 -2.55
C THR A 31 -0.34 4.70 -3.69
N ALA A 32 -1.39 5.43 -3.29
CA ALA A 32 -2.19 6.15 -4.25
C ALA A 32 -1.31 7.16 -4.98
N GLY A 33 -1.48 7.24 -6.29
CA GLY A 33 -0.70 8.13 -7.13
C GLY A 33 0.42 7.46 -7.91
N MET A 34 0.89 6.29 -7.47
CA MET A 34 2.14 5.72 -7.99
C MET A 34 1.98 4.95 -9.30
N SER A 35 3.05 5.01 -10.09
CA SER A 35 3.11 4.37 -11.39
C SER A 35 4.52 3.89 -11.74
N VAL A 36 4.57 2.82 -12.53
CA VAL A 36 5.83 2.37 -13.08
C VAL A 36 5.70 2.27 -14.58
N GLY A 37 6.72 2.74 -15.29
CA GLY A 37 6.73 2.72 -16.76
C GLY A 37 7.99 2.11 -17.36
N TRP A 38 7.87 1.66 -18.59
CA TRP A 38 8.97 1.08 -19.30
C TRP A 38 9.28 1.89 -20.52
N ILE A 39 10.57 2.12 -20.72
CA ILE A 39 11.10 2.85 -21.83
C ILE A 39 12.28 2.06 -22.42
N ARG A 40 12.42 2.11 -23.74
CA ARG A 40 13.58 1.46 -24.33
C ARG A 40 14.40 2.38 -25.21
N GLN A 41 15.68 2.08 -25.34
CA GLN A 41 16.55 2.86 -26.21
C GLN A 41 17.40 1.95 -27.08
N PRO A 42 17.12 1.91 -28.39
CA PRO A 42 18.00 1.19 -29.30
C PRO A 42 19.39 1.81 -29.32
N PRO A 43 20.43 0.99 -29.51
CA PRO A 43 21.80 1.55 -29.52
C PRO A 43 21.95 2.77 -30.47
N GLY A 44 22.32 3.91 -29.89
CA GLY A 44 22.51 5.14 -30.64
C GLY A 44 21.25 5.83 -31.15
N LYS A 45 20.07 5.49 -30.63
CA LYS A 45 18.82 6.07 -31.13
C LYS A 45 18.03 6.72 -30.01
N ALA A 46 16.80 7.12 -30.31
CA ALA A 46 15.99 7.86 -29.36
C ALA A 46 15.28 6.97 -28.37
N LEU A 47 15.00 7.55 -27.21
CA LEU A 47 14.13 6.93 -26.20
C LEU A 47 12.71 6.78 -26.76
N GLU A 48 12.06 5.68 -26.41
CA GLU A 48 10.74 5.32 -26.88
C GLU A 48 9.98 4.72 -25.68
N TRP A 49 8.90 5.37 -25.29
CA TRP A 49 8.09 4.89 -24.18
C TRP A 49 7.32 3.65 -24.66
N LEU A 50 7.20 2.65 -23.79
CA LEU A 50 6.55 1.38 -24.16
C LEU A 50 5.24 1.11 -23.43
N ALA A 51 5.22 1.37 -22.12
CA ALA A 51 4.11 0.95 -21.28
C ALA A 51 4.19 1.50 -19.89
N ASP A 52 3.03 1.60 -19.24
CA ASP A 52 2.99 1.83 -17.80
C ASP A 52 1.83 1.14 -17.11
N ILE A 53 1.95 1.05 -15.80
CA ILE A 53 0.93 0.48 -14.96
C ILE A 53 0.75 1.38 -13.75
N TRP A 54 -0.48 1.51 -13.29
CA TRP A 54 -0.77 2.38 -12.14
C TRP A 54 -1.18 1.56 -10.90
N TRP A 55 -1.25 2.26 -9.78
CA TRP A 55 -1.53 1.62 -8.50
C TRP A 55 -2.92 1.02 -8.44
N ASP A 56 -3.85 1.62 -9.19
CA ASP A 56 -5.21 1.08 -9.34
C ASP A 56 -5.27 0.04 -10.45
N ASP A 57 -4.11 -0.36 -10.98
CA ASP A 57 -4.00 -1.42 -11.96
C ASP A 57 -4.42 -1.04 -13.38
N LYS A 58 -4.58 0.25 -13.64
CA LYS A 58 -4.89 0.72 -14.99
C LYS A 58 -3.60 0.66 -15.83
N LYS A 59 -3.72 0.26 -17.10
CA LYS A 59 -2.52 0.08 -17.96
C LYS A 59 -2.57 0.89 -19.24
N HIS A 60 -1.41 1.25 -19.77
CA HIS A 60 -1.34 1.86 -21.08
C HIS A 60 -0.22 1.24 -21.86
N TYR A 61 -0.38 1.18 -23.18
CA TYR A 61 0.65 0.64 -24.06
C TYR A 61 0.84 1.55 -25.26
N ASN A 62 2.08 1.63 -25.76
CA ASN A 62 2.35 2.31 -27.03
C ASN A 62 1.74 1.52 -28.19
N PRO A 63 0.86 2.15 -28.97
CA PRO A 63 0.32 1.53 -30.19
C PRO A 63 1.36 1.07 -31.22
N SER A 64 2.55 1.67 -31.22
CA SER A 64 3.61 1.25 -32.14
C SER A 64 4.08 -0.18 -31.87
N LEU A 65 3.98 -0.64 -30.61
CA LEU A 65 4.25 -2.04 -30.27
C LEU A 65 2.98 -2.88 -30.36
N LYS A 66 2.00 -2.39 -31.12
CA LYS A 66 0.68 -3.02 -31.30
C LYS A 66 0.60 -4.48 -30.86
N ASP A 67 0.01 -4.72 -29.68
CA ASP A 67 -0.40 -6.07 -29.21
C ASP A 67 0.74 -7.03 -28.88
N ARG A 68 1.93 -6.53 -28.60
CA ARG A 68 3.04 -7.44 -28.30
C ARG A 68 3.45 -7.29 -26.84
N LEU A 69 2.77 -6.38 -26.15
CA LEU A 69 3.09 -6.00 -24.79
C LEU A 69 2.06 -6.47 -23.78
N THR A 70 2.53 -7.02 -22.67
CA THR A 70 1.70 -7.20 -21.48
C THR A 70 2.48 -6.70 -20.30
N ILE A 71 1.91 -5.75 -19.56
CA ILE A 71 2.49 -5.31 -18.29
C ILE A 71 1.63 -5.82 -17.14
N SER A 72 2.25 -6.07 -16.01
CA SER A 72 1.54 -6.59 -14.82
C SER A 72 2.32 -6.23 -13.56
N LYS A 73 1.65 -6.24 -12.41
CA LYS A 73 2.30 -5.86 -11.14
C LYS A 73 2.14 -6.91 -10.05
N ASP A 74 3.12 -6.93 -9.15
CA ASP A 74 3.05 -7.67 -7.91
C ASP A 74 3.42 -6.71 -6.79
N THR A 75 2.40 -6.05 -6.23
CA THR A 75 2.59 -4.97 -5.28
C THR A 75 3.43 -5.44 -4.11
N SER A 76 3.05 -6.59 -3.55
CA SER A 76 3.67 -7.12 -2.35
C SER A 76 5.17 -7.37 -2.54
N ALA A 77 5.57 -7.85 -3.71
CA ALA A 77 6.99 -8.06 -4.04
C ALA A 77 7.75 -6.81 -4.55
N ASN A 78 7.03 -5.71 -4.78
CA ASN A 78 7.59 -4.51 -5.42
C ASN A 78 8.23 -4.89 -6.76
N GLN A 79 7.43 -5.49 -7.61
CA GLN A 79 7.89 -5.96 -8.88
C GLN A 79 6.89 -5.74 -9.97
N VAL A 80 7.34 -5.17 -11.08
CA VAL A 80 6.55 -5.04 -12.29
C VAL A 80 7.21 -5.86 -13.40
N VAL A 81 6.39 -6.58 -14.15
CA VAL A 81 6.88 -7.44 -15.20
C VAL A 81 6.36 -6.90 -16.52
N LEU A 82 7.19 -6.98 -17.56
CA LEU A 82 6.83 -6.60 -18.91
C LEU A 82 7.18 -7.74 -19.85
N LYS A 83 6.20 -8.16 -20.62
CA LYS A 83 6.37 -9.25 -21.56
C LYS A 83 6.22 -8.73 -22.98
N VAL A 84 7.23 -9.02 -23.81
CA VAL A 84 7.24 -8.56 -25.18
C VAL A 84 7.30 -9.78 -26.11
N THR A 85 6.25 -10.00 -26.90
CA THR A 85 6.15 -11.20 -27.73
C THR A 85 6.81 -11.00 -29.10
N ASN A 86 7.10 -12.11 -29.78
CA ASN A 86 7.62 -12.10 -31.16
C ASN A 86 8.72 -11.06 -31.38
N MET A 87 9.80 -11.23 -30.64
CA MET A 87 10.93 -10.30 -30.69
C MET A 87 11.57 -10.40 -32.06
N ASP A 88 11.93 -9.26 -32.64
CA ASP A 88 12.65 -9.22 -33.90
C ASP A 88 13.92 -8.38 -33.64
N PRO A 89 14.86 -8.35 -34.61
CA PRO A 89 16.11 -7.61 -34.40
C PRO A 89 15.98 -6.11 -34.06
N ALA A 90 14.92 -5.44 -34.52
CA ALA A 90 14.71 -4.03 -34.19
C ALA A 90 14.37 -3.82 -32.72
N ASP A 91 13.95 -4.86 -32.01
CA ASP A 91 13.72 -4.78 -30.57
C ASP A 91 15.00 -4.82 -29.72
N THR A 92 16.15 -4.90 -30.35
CA THR A 92 17.41 -4.88 -29.64
C THR A 92 17.56 -3.50 -29.06
N ALA A 93 17.71 -3.41 -27.74
CA ALA A 93 17.69 -2.14 -27.09
C ALA A 93 18.09 -2.26 -25.64
N THR A 94 18.38 -1.13 -25.01
CA THR A 94 18.44 -1.07 -23.58
C THR A 94 17.02 -0.78 -23.06
N TYR A 95 16.55 -1.60 -22.12
CA TYR A 95 15.22 -1.47 -21.52
C TYR A 95 15.35 -0.89 -20.13
N TYR A 96 14.56 0.15 -19.86
CA TYR A 96 14.57 0.88 -18.60
C TYR A 96 13.19 0.81 -17.97
N CYS A 97 13.12 0.69 -16.65
CA CYS A 97 11.89 1.01 -15.93
C CYS A 97 12.09 2.31 -15.17
N ALA A 98 10.99 3.04 -14.95
CA ALA A 98 11.05 4.26 -14.17
C ALA A 98 9.74 4.57 -13.49
N ARG A 99 9.84 5.41 -12.46
CA ARG A 99 8.75 5.73 -11.59
C ARG A 99 8.07 7.01 -12.06
N ASP A 100 6.74 6.98 -12.12
CA ASP A 100 5.90 8.08 -12.54
C ASP A 100 4.81 8.30 -11.50
N MET A 101 4.31 9.52 -11.42
CA MET A 101 3.27 9.89 -10.47
C MET A 101 2.15 10.65 -11.16
N ILE A 102 0.94 10.50 -10.65
CA ILE A 102 -0.23 11.19 -11.18
C ILE A 102 -0.08 12.69 -10.99
N PHE A 103 0.78 13.07 -10.05
CA PHE A 103 1.15 14.48 -9.86
C PHE A 103 2.16 15.01 -10.89
N ASN A 104 2.80 14.11 -11.61
CA ASN A 104 3.90 14.46 -12.46
C ASN A 104 3.62 14.20 -13.93
N PHE A 105 3.23 12.98 -14.26
CA PHE A 105 3.19 12.53 -15.65
C PHE A 105 4.55 12.79 -16.33
N TYR A 106 5.60 12.45 -15.59
CA TYR A 106 6.95 12.35 -16.10
C TYR A 106 7.73 11.40 -15.18
N PHE A 107 8.87 10.93 -15.68
CA PHE A 107 9.69 9.96 -14.97
C PHE A 107 10.80 10.66 -14.21
N ASP A 108 10.81 10.50 -12.89
CA ASP A 108 11.79 11.19 -12.06
C ASP A 108 12.90 10.26 -11.57
N VAL A 109 12.70 8.96 -11.63
CA VAL A 109 13.74 8.03 -11.20
C VAL A 109 13.73 6.82 -12.10
N TRP A 110 14.93 6.42 -12.55
CA TRP A 110 15.08 5.35 -13.52
C TRP A 110 15.96 4.28 -12.95
N GLY A 111 15.79 3.06 -13.44
CA GLY A 111 16.80 2.03 -13.24
C GLY A 111 18.01 2.34 -14.11
N GLN A 112 19.04 1.53 -13.97
CA GLN A 112 20.26 1.66 -14.78
C GLN A 112 20.08 1.13 -16.21
N GLY A 113 18.99 0.39 -16.43
CA GLY A 113 18.73 -0.21 -17.74
C GLY A 113 19.35 -1.61 -17.90
N THR A 114 18.71 -2.45 -18.69
CA THR A 114 19.23 -3.77 -19.01
C THR A 114 19.23 -3.92 -20.54
N THR A 115 20.34 -4.45 -21.07
CA THR A 115 20.56 -4.57 -22.49
C THR A 115 20.08 -5.89 -23.05
N VAL A 116 19.26 -5.83 -24.08
CA VAL A 116 18.75 -7.04 -24.73
C VAL A 116 19.17 -7.06 -26.21
N THR A 117 19.80 -8.16 -26.62
CA THR A 117 20.15 -8.39 -28.02
C THR A 117 19.25 -9.50 -28.54
N VAL A 118 18.62 -9.26 -29.69
CA VAL A 118 17.88 -10.31 -30.35
C VAL A 118 18.78 -10.96 -31.39
N SER A 119 19.10 -12.22 -31.21
CA SER A 119 20.02 -12.88 -32.14
C SER A 119 19.89 -14.39 -32.07
N SER A 120 20.19 -15.04 -33.18
CA SER A 120 20.13 -16.47 -33.26
C SER A 120 21.41 -17.08 -32.68
N ALA A 121 22.46 -16.27 -32.57
CA ALA A 121 23.77 -16.70 -32.12
C ALA A 121 23.81 -17.02 -30.64
N SER A 122 24.85 -17.74 -30.24
CA SER A 122 24.99 -18.26 -28.89
C SER A 122 25.92 -17.39 -28.06
N THR A 123 25.63 -17.33 -26.77
CA THR A 123 26.50 -16.68 -25.80
C THR A 123 27.94 -17.19 -25.85
N LYS A 124 28.89 -16.29 -25.77
CA LYS A 124 30.29 -16.68 -25.79
C LYS A 124 31.13 -15.70 -24.97
N GLY A 125 31.97 -16.26 -24.09
CA GLY A 125 32.74 -15.46 -23.15
C GLY A 125 34.02 -14.95 -23.77
N PRO A 126 34.55 -13.85 -23.24
CA PRO A 126 35.74 -13.25 -23.83
C PRO A 126 37.05 -13.96 -23.46
N SER A 127 38.06 -13.76 -24.29
CA SER A 127 39.42 -14.05 -23.93
C SER A 127 40.10 -12.72 -23.69
N VAL A 128 40.93 -12.63 -22.66
CA VAL A 128 41.57 -11.38 -22.30
C VAL A 128 43.10 -11.48 -22.43
N PHE A 129 43.71 -10.59 -23.21
CA PHE A 129 45.16 -10.57 -23.39
C PHE A 129 45.76 -9.27 -22.93
N PRO A 130 46.87 -9.32 -22.21
CA PRO A 130 47.44 -8.07 -21.73
C PRO A 130 47.98 -7.24 -22.87
N LEU A 131 47.84 -5.93 -22.77
CA LEU A 131 48.57 -5.00 -23.62
C LEU A 131 49.77 -4.46 -22.81
N ALA A 132 50.93 -5.06 -23.01
CA ALA A 132 52.07 -4.82 -22.16
C ALA A 132 52.85 -3.58 -22.59
N PRO A 133 53.27 -2.74 -21.63
CA PRO A 133 54.19 -1.65 -21.91
C PRO A 133 55.61 -2.19 -21.95
N SER A 134 56.53 -1.47 -22.58
CA SER A 134 57.90 -1.97 -22.76
C SER A 134 58.95 -1.16 -21.97
N SER A 135 60.22 -1.30 -22.39
CA SER A 135 61.37 -0.61 -21.79
C SER A 135 61.68 -1.16 -20.41
N GLY A 141 58.62 9.44 -18.34
CA GLY A 141 57.47 10.10 -17.74
C GLY A 141 56.29 9.18 -17.54
N THR A 142 55.48 9.03 -18.60
CA THR A 142 54.21 8.27 -18.56
C THR A 142 54.22 7.03 -19.46
N ALA A 143 53.76 5.91 -18.91
CA ALA A 143 53.58 4.67 -19.63
C ALA A 143 52.11 4.34 -19.72
N ALA A 144 51.76 3.50 -20.69
CA ALA A 144 50.38 3.01 -20.80
C ALA A 144 50.39 1.51 -20.85
N LEU A 145 49.27 0.92 -20.47
CA LEU A 145 49.10 -0.52 -20.53
C LEU A 145 47.62 -0.77 -20.60
N GLY A 146 47.22 -2.03 -20.70
CA GLY A 146 45.82 -2.35 -20.90
C GLY A 146 45.50 -3.81 -21.10
N CYS A 147 44.26 -4.07 -21.49
CA CYS A 147 43.76 -5.40 -21.76
C CYS A 147 42.99 -5.35 -23.05
N LEU A 148 43.22 -6.32 -23.91
CA LEU A 148 42.40 -6.59 -25.09
C LEU A 148 41.40 -7.67 -24.70
N VAL A 149 40.12 -7.39 -24.93
CA VAL A 149 39.02 -8.28 -24.55
C VAL A 149 38.34 -8.73 -25.83
N LYS A 150 38.54 -9.97 -26.20
CA LYS A 150 38.31 -10.42 -27.56
C LYS A 150 37.25 -11.48 -27.63
N ASP A 151 36.49 -11.50 -28.71
CA ASP A 151 35.73 -12.69 -29.10
C ASP A 151 34.60 -13.08 -28.12
N TYR A 152 33.76 -12.12 -27.76
CA TYR A 152 32.61 -12.37 -26.91
C TYR A 152 31.31 -12.00 -27.57
N PHE A 153 30.23 -12.63 -27.10
CA PHE A 153 28.89 -12.33 -27.59
C PHE A 153 27.86 -12.68 -26.52
N PRO A 154 26.85 -11.83 -26.29
CA PRO A 154 26.62 -10.50 -26.83
C PRO A 154 27.18 -9.43 -25.90
N GLU A 155 26.95 -8.18 -26.26
CA GLU A 155 27.18 -7.08 -25.35
C GLU A 155 26.36 -7.22 -24.03
N PRO A 156 26.85 -6.62 -22.92
CA PRO A 156 28.11 -5.90 -22.77
C PRO A 156 29.12 -6.67 -21.92
N VAL A 157 30.34 -6.16 -21.87
CA VAL A 157 31.29 -6.49 -20.82
C VAL A 157 31.56 -5.24 -20.00
N THR A 158 31.97 -5.41 -18.76
CA THR A 158 32.49 -4.32 -17.96
C THR A 158 33.95 -4.62 -17.69
N VAL A 159 34.75 -3.56 -17.59
CA VAL A 159 36.14 -3.71 -17.23
C VAL A 159 36.49 -2.76 -16.10
N SER A 160 37.19 -3.25 -15.10
CA SER A 160 37.73 -2.37 -14.10
C SER A 160 39.17 -2.74 -13.83
N TRP A 161 39.86 -1.88 -13.11
CA TRP A 161 41.26 -2.05 -12.83
C TRP A 161 41.48 -2.11 -11.35
N ASN A 162 42.25 -3.13 -10.94
CA ASN A 162 42.53 -3.39 -9.54
C ASN A 162 41.27 -3.33 -8.71
N SER A 163 40.21 -3.92 -9.25
CA SER A 163 38.93 -4.02 -8.55
C SER A 163 38.33 -2.67 -8.12
N GLY A 164 38.46 -1.67 -8.98
CA GLY A 164 37.84 -0.36 -8.73
C GLY A 164 38.75 0.68 -8.11
N ALA A 165 39.89 0.23 -7.57
CA ALA A 165 40.85 1.14 -6.92
C ALA A 165 41.64 1.99 -7.91
N LEU A 166 41.62 1.61 -9.19
CA LEU A 166 42.27 2.39 -10.22
C LEU A 166 41.20 2.81 -11.23
N THR A 167 40.95 4.11 -11.28
CA THR A 167 39.90 4.68 -12.15
C THR A 167 40.40 5.84 -13.02
N SER A 168 41.38 6.57 -12.50
CA SER A 168 41.90 7.76 -13.15
C SER A 168 42.77 7.37 -14.32
N GLY A 169 42.52 7.98 -15.47
CA GLY A 169 43.29 7.64 -16.68
C GLY A 169 42.81 6.42 -17.44
N VAL A 170 41.65 5.88 -17.07
CA VAL A 170 41.13 4.68 -17.70
C VAL A 170 40.26 5.07 -18.89
N HIS A 171 40.48 4.40 -20.01
CA HIS A 171 39.59 4.53 -21.15
C HIS A 171 39.21 3.14 -21.55
N THR A 172 37.91 2.89 -21.60
CA THR A 172 37.42 1.62 -22.09
C THR A 172 36.63 1.89 -23.35
N PHE A 173 37.14 1.43 -24.48
CA PHE A 173 36.60 1.82 -25.77
C PHE A 173 35.29 1.09 -26.10
N PRO A 174 34.43 1.72 -26.90
CA PRO A 174 33.25 0.98 -27.32
C PRO A 174 33.64 -0.23 -28.16
N ALA A 175 32.82 -1.27 -28.10
CA ALA A 175 33.12 -2.52 -28.75
C ALA A 175 32.84 -2.45 -30.24
N VAL A 176 33.53 -3.28 -31.00
CA VAL A 176 33.32 -3.40 -32.43
C VAL A 176 32.95 -4.85 -32.76
N LEU A 177 31.98 -5.03 -33.64
CA LEU A 177 31.55 -6.34 -34.06
C LEU A 177 32.45 -6.74 -35.20
N GLN A 178 33.19 -7.83 -35.00
CA GLN A 178 34.20 -8.27 -35.95
C GLN A 178 33.54 -9.11 -37.00
N SER A 179 34.27 -9.44 -38.05
CA SER A 179 33.71 -10.18 -39.17
C SER A 179 33.29 -11.60 -38.79
N SER A 180 33.71 -12.03 -37.62
CA SER A 180 33.37 -13.34 -37.08
C SER A 180 32.03 -13.31 -36.33
N GLY A 181 31.51 -12.12 -36.04
CA GLY A 181 30.25 -11.99 -35.31
C GLY A 181 30.43 -11.89 -33.81
N LEU A 182 31.67 -11.75 -33.38
CA LEU A 182 31.98 -11.60 -32.00
C LEU A 182 32.56 -10.19 -31.83
N TYR A 183 32.40 -9.67 -30.61
CA TYR A 183 32.80 -8.33 -30.32
C TYR A 183 34.20 -8.35 -29.76
N SER A 184 34.87 -7.23 -29.92
CA SER A 184 36.18 -7.01 -29.34
C SER A 184 36.24 -5.58 -28.83
N LEU A 185 36.97 -5.38 -27.75
CA LEU A 185 37.31 -4.04 -27.30
C LEU A 185 38.59 -4.06 -26.49
N SER A 186 39.17 -2.88 -26.30
CA SER A 186 40.30 -2.72 -25.39
C SER A 186 39.97 -1.76 -24.28
N SER A 187 40.56 -1.99 -23.12
CA SER A 187 40.56 -1.04 -22.03
C SER A 187 42.01 -0.73 -21.70
N VAL A 188 42.33 0.53 -21.49
CA VAL A 188 43.69 0.94 -21.23
C VAL A 188 43.76 1.98 -20.14
N VAL A 189 44.95 2.17 -19.58
CA VAL A 189 45.18 3.20 -18.57
C VAL A 189 46.60 3.76 -18.63
N THR A 190 46.75 5.06 -18.39
CA THR A 190 48.08 5.62 -18.22
C THR A 190 48.47 5.63 -16.74
N VAL A 191 49.76 5.38 -16.51
CA VAL A 191 50.35 5.34 -15.18
C VAL A 191 51.75 5.88 -15.29
N PRO A 192 52.38 6.26 -14.17
CA PRO A 192 53.74 6.74 -14.32
C PRO A 192 54.72 5.58 -14.47
N SER A 193 55.59 5.66 -15.47
CA SER A 193 56.68 4.70 -15.66
C SER A 193 57.22 4.11 -14.35
N SER A 194 57.51 4.99 -13.40
CA SER A 194 58.08 4.59 -12.10
C SER A 194 57.36 3.43 -11.44
N SER A 195 56.04 3.42 -11.51
CA SER A 195 55.27 2.37 -10.85
C SER A 195 55.32 1.00 -11.55
N LEU A 196 55.80 0.94 -12.79
CA LEU A 196 55.97 -0.35 -13.46
C LEU A 196 57.02 -1.15 -12.73
N GLY A 197 56.75 -2.43 -12.54
CA GLY A 197 57.66 -3.36 -11.86
C GLY A 197 57.49 -3.42 -10.36
N THR A 198 56.68 -2.53 -9.81
CA THR A 198 56.45 -2.46 -8.36
C THR A 198 54.97 -2.50 -8.03
N GLN A 199 54.21 -1.57 -8.60
CA GLN A 199 52.76 -1.59 -8.46
C GLN A 199 52.19 -2.64 -9.41
N THR A 200 51.31 -3.47 -8.88
CA THR A 200 50.64 -4.49 -9.66
C THR A 200 49.46 -3.87 -10.43
N TYR A 201 49.29 -4.26 -11.68
CA TYR A 201 48.14 -3.80 -12.47
C TYR A 201 47.37 -5.02 -12.95
N ILE A 202 46.13 -5.14 -12.48
CA ILE A 202 45.27 -6.25 -12.83
C ILE A 202 43.98 -5.68 -13.40
N CYS A 203 43.51 -6.28 -14.48
CA CYS A 203 42.31 -5.82 -15.13
C CYS A 203 41.19 -6.86 -14.96
N ASN A 204 40.04 -6.40 -14.48
CA ASN A 204 38.92 -7.25 -14.06
C ASN A 204 37.83 -7.21 -15.08
N VAL A 205 37.69 -8.28 -15.85
CA VAL A 205 36.68 -8.28 -16.90
C VAL A 205 35.53 -9.13 -16.50
N ASN A 206 34.33 -8.56 -16.64
CA ASN A 206 33.09 -9.21 -16.28
C ASN A 206 32.19 -9.25 -17.50
N HIS A 207 31.72 -10.45 -17.83
CA HIS A 207 30.80 -10.65 -18.92
C HIS A 207 29.63 -11.43 -18.41
N LYS A 208 28.66 -10.71 -17.85
CA LYS A 208 27.50 -11.31 -17.20
C LYS A 208 26.66 -12.20 -18.10
N PRO A 209 26.51 -11.86 -19.38
CA PRO A 209 25.66 -12.72 -20.18
C PRO A 209 26.17 -14.14 -20.32
N SER A 210 27.45 -14.39 -20.08
CA SER A 210 27.99 -15.75 -20.06
C SER A 210 28.45 -16.19 -18.66
N ASN A 211 28.17 -15.36 -17.66
CA ASN A 211 28.69 -15.54 -16.28
C ASN A 211 30.20 -15.68 -16.13
N THR A 212 30.97 -15.15 -17.07
CA THR A 212 32.42 -15.23 -17.01
C THR A 212 32.99 -14.05 -16.24
N LYS A 213 33.99 -14.32 -15.40
CA LYS A 213 34.82 -13.29 -14.82
C LYS A 213 36.26 -13.66 -15.13
N VAL A 214 37.10 -12.67 -15.45
CA VAL A 214 38.54 -12.90 -15.67
C VAL A 214 39.37 -11.77 -15.08
N ASP A 215 40.51 -12.14 -14.51
CA ASP A 215 41.41 -11.20 -13.88
C ASP A 215 42.79 -11.37 -14.49
N LYS A 216 43.24 -10.41 -15.30
CA LYS A 216 44.50 -10.53 -16.01
C LYS A 216 45.60 -9.61 -15.49
N LYS A 217 46.68 -10.22 -14.99
CA LYS A 217 47.87 -9.48 -14.59
C LYS A 217 48.56 -8.90 -15.84
N VAL A 218 48.87 -7.62 -15.83
CA VAL A 218 49.60 -7.01 -16.94
C VAL A 218 51.00 -6.61 -16.47
N GLU A 219 51.98 -7.43 -16.82
CA GLU A 219 53.39 -7.20 -16.48
C GLU A 219 54.14 -6.73 -17.73
N PRO A 220 55.26 -6.00 -17.54
CA PRO A 220 56.27 -5.87 -18.60
C PRO A 220 56.94 -7.21 -18.92
N ASP B 1 -1.29 11.41 -32.15
CA ASP B 1 -0.27 11.25 -31.06
C ASP B 1 0.89 12.21 -31.24
N ILE B 2 1.33 12.79 -30.15
CA ILE B 2 2.10 14.01 -30.18
C ILE B 2 3.58 13.74 -30.44
N GLN B 3 4.10 14.30 -31.53
CA GLN B 3 5.52 14.13 -31.90
C GLN B 3 6.28 15.43 -31.69
N MET B 4 7.51 15.35 -31.23
CA MET B 4 8.32 16.53 -31.02
C MET B 4 9.57 16.60 -31.86
N THR B 5 9.84 17.80 -32.36
CA THR B 5 10.98 18.08 -33.19
C THR B 5 11.94 18.96 -32.41
N GLN B 6 13.18 18.50 -32.24
CA GLN B 6 14.20 19.27 -31.55
C GLN B 6 15.18 19.85 -32.54
N SER B 7 15.57 21.09 -32.31
CA SER B 7 16.64 21.67 -33.09
C SER B 7 17.60 22.40 -32.17
N PRO B 8 18.91 22.35 -32.49
CA PRO B 8 19.41 21.43 -33.53
C PRO B 8 19.45 19.98 -33.03
N SER B 9 19.80 19.07 -33.91
CA SER B 9 20.05 17.68 -33.50
C SER B 9 21.49 17.51 -33.00
N THR B 10 22.36 18.44 -33.35
CA THR B 10 23.76 18.44 -32.93
C THR B 10 24.27 19.87 -32.75
N LEU B 11 25.23 20.04 -31.85
CA LEU B 11 25.65 21.35 -31.45
C LEU B 11 26.99 21.28 -30.72
N SER B 12 27.90 22.15 -31.14
CA SER B 12 29.21 22.29 -30.53
C SER B 12 29.30 23.69 -30.00
N ALA B 13 29.86 23.85 -28.81
CA ALA B 13 30.07 25.16 -28.23
C ALA B 13 31.18 25.12 -27.23
N SER B 14 31.79 26.27 -27.01
CA SER B 14 32.87 26.40 -26.05
C SER B 14 32.35 26.45 -24.63
N VAL B 15 33.25 26.20 -23.69
CA VAL B 15 32.96 26.35 -22.27
C VAL B 15 32.65 27.80 -22.02
N GLY B 16 31.52 28.06 -21.37
CA GLY B 16 31.12 29.43 -21.05
C GLY B 16 30.10 30.04 -22.00
N ASP B 17 29.83 29.38 -23.12
CA ASP B 17 28.86 29.85 -24.09
C ASP B 17 27.45 29.66 -23.56
N ARG B 18 26.51 30.46 -24.08
CA ARG B 18 25.10 30.24 -23.86
C ARG B 18 24.60 29.37 -25.00
N VAL B 19 23.87 28.31 -24.65
CA VAL B 19 23.43 27.29 -25.59
C VAL B 19 21.92 27.19 -25.50
N THR B 20 21.25 27.05 -26.64
CA THR B 20 19.79 26.99 -26.64
C THR B 20 19.29 25.82 -27.48
N ILE B 21 18.35 25.05 -26.93
CA ILE B 21 17.76 23.91 -27.63
C ILE B 21 16.27 24.12 -27.68
N THR B 22 15.65 24.02 -28.85
CA THR B 22 14.22 24.26 -28.97
C THR B 22 13.52 22.95 -29.29
N CYS B 23 12.33 22.76 -28.75
CA CYS B 23 11.54 21.55 -28.97
C CYS B 23 10.13 21.95 -29.35
N SER B 24 9.83 21.97 -30.65
CA SER B 24 8.47 22.23 -31.09
C SER B 24 7.64 20.94 -31.22
N ALA B 25 6.44 20.98 -30.66
CA ALA B 25 5.52 19.84 -30.64
C ALA B 25 4.51 19.92 -31.80
N SER B 26 3.93 18.78 -32.15
CA SER B 26 2.94 18.70 -33.23
C SER B 26 1.58 19.28 -32.83
N SER B 27 1.28 19.28 -31.53
CA SER B 27 0.11 20.01 -31.00
C SER B 27 0.32 20.44 -29.55
N ARG B 28 -0.59 21.27 -29.07
CA ARG B 28 -0.52 21.86 -27.74
C ARG B 28 -0.26 20.83 -26.63
N VAL B 29 0.72 21.12 -25.78
CA VAL B 29 0.91 20.38 -24.51
C VAL B 29 0.94 21.40 -23.38
N GLY B 30 0.47 20.99 -22.22
CA GLY B 30 0.43 21.86 -21.05
C GLY B 30 1.79 22.02 -20.41
N TYR B 31 2.68 21.07 -20.68
CA TYR B 31 4.02 21.06 -20.05
C TYR B 31 5.07 20.32 -20.91
N MET B 32 6.32 20.69 -20.73
CA MET B 32 7.42 20.03 -21.41
C MET B 32 8.46 19.67 -20.39
N HIS B 33 9.03 18.48 -20.52
CA HIS B 33 10.04 18.02 -19.57
C HIS B 33 11.30 17.76 -20.34
N TRP B 34 12.43 17.81 -19.66
CA TRP B 34 13.70 17.66 -20.31
C TRP B 34 14.56 16.63 -19.59
N TYR B 35 15.14 15.71 -20.36
CA TYR B 35 16.08 14.74 -19.80
C TYR B 35 17.53 14.97 -20.29
N GLN B 36 18.49 14.70 -19.42
CA GLN B 36 19.91 14.71 -19.82
C GLN B 36 20.40 13.31 -19.72
N GLN B 37 21.07 12.84 -20.78
CA GLN B 37 21.66 11.50 -20.79
C GLN B 37 23.11 11.52 -21.19
N LYS B 38 23.95 11.05 -20.28
CA LYS B 38 25.40 10.90 -20.54
C LYS B 38 25.71 9.50 -21.07
N PRO B 39 26.89 9.35 -21.71
CA PRO B 39 27.44 8.09 -22.20
C PRO B 39 27.11 6.83 -21.38
N GLY B 40 26.21 5.98 -21.91
CA GLY B 40 25.82 4.74 -21.22
C GLY B 40 25.28 4.88 -19.80
N LYS B 41 24.45 5.88 -19.58
CA LYS B 41 23.80 6.12 -18.31
C LYS B 41 22.32 6.21 -18.59
N ALA B 42 21.52 6.06 -17.57
CA ALA B 42 20.10 6.25 -17.76
C ALA B 42 19.82 7.75 -17.86
N PRO B 43 18.78 8.13 -18.59
CA PRO B 43 18.40 9.52 -18.58
C PRO B 43 18.14 10.02 -17.17
N LYS B 44 18.60 11.24 -16.87
CA LYS B 44 18.35 11.93 -15.61
C LYS B 44 17.42 13.10 -15.90
N LEU B 45 16.36 13.23 -15.12
CA LEU B 45 15.44 14.34 -15.29
C LEU B 45 16.19 15.59 -14.93
N LEU B 46 16.04 16.61 -15.78
CA LEU B 46 16.78 17.85 -15.67
C LEU B 46 15.86 19.03 -15.35
N ILE B 47 14.84 19.20 -16.18
CA ILE B 47 13.88 20.27 -16.05
C ILE B 47 12.54 19.61 -16.15
N TYR B 48 11.65 19.95 -15.23
CA TYR B 48 10.28 19.47 -15.30
C TYR B 48 9.29 20.63 -15.24
N ASP B 49 8.03 20.31 -15.49
CA ASP B 49 6.98 21.30 -15.69
C ASP B 49 7.48 22.55 -16.40
N THR B 50 8.10 22.35 -17.56
CA THR B 50 8.56 23.42 -18.44
C THR B 50 9.77 24.21 -17.95
N SER B 51 9.72 24.73 -16.73
CA SER B 51 10.76 25.64 -16.23
C SER B 51 11.37 25.30 -14.87
N LYS B 52 10.78 24.36 -14.14
CA LYS B 52 11.25 24.01 -12.81
C LYS B 52 12.46 23.04 -12.84
N LEU B 53 13.41 23.28 -11.95
CA LEU B 53 14.67 22.53 -11.91
C LEU B 53 14.59 21.31 -11.05
N ALA B 54 15.07 20.19 -11.55
CA ALA B 54 15.17 18.97 -10.75
C ALA B 54 16.33 19.06 -9.77
N SER B 55 16.44 18.09 -8.87
CA SER B 55 17.44 18.16 -7.82
C SER B 55 18.83 17.75 -8.34
N GLY B 56 19.87 18.39 -7.82
CA GLY B 56 21.22 18.13 -8.29
C GLY B 56 21.45 18.68 -9.68
N VAL B 57 20.70 19.73 -10.00
CA VAL B 57 20.79 20.36 -11.30
C VAL B 57 21.21 21.79 -11.07
N PRO B 58 22.36 22.19 -11.64
CA PRO B 58 22.83 23.55 -11.41
C PRO B 58 21.96 24.63 -12.05
N SER B 59 22.09 25.84 -11.53
CA SER B 59 21.25 26.97 -11.93
C SER B 59 21.49 27.40 -13.38
N ARG B 60 22.64 27.05 -13.93
CA ARG B 60 22.94 27.39 -15.33
C ARG B 60 21.94 26.76 -16.33
N PHE B 61 21.12 25.83 -15.87
CA PHE B 61 20.05 25.25 -16.69
C PHE B 61 18.72 25.95 -16.46
N SER B 62 17.87 25.97 -17.49
CA SER B 62 16.55 26.56 -17.41
C SER B 62 15.73 26.20 -18.64
N GLY B 63 14.41 26.28 -18.51
CA GLY B 63 13.51 26.03 -19.62
C GLY B 63 12.42 27.06 -19.66
N SER B 64 11.81 27.24 -20.83
CA SER B 64 10.66 28.09 -20.95
C SER B 64 9.78 27.66 -22.11
N GLY B 65 8.70 28.42 -22.35
CA GLY B 65 7.81 28.19 -23.47
C GLY B 65 6.39 27.81 -23.08
N SER B 66 5.60 27.44 -24.08
CA SER B 66 4.21 27.03 -23.90
C SER B 66 3.61 26.62 -25.24
N GLY B 67 2.53 25.85 -25.17
CA GLY B 67 1.80 25.47 -26.36
C GLY B 67 2.58 24.44 -27.14
N THR B 68 3.13 24.85 -28.28
CA THR B 68 3.90 23.94 -29.13
C THR B 68 5.38 24.22 -29.13
N ALA B 69 5.80 25.41 -28.69
CA ALA B 69 7.23 25.82 -28.73
C ALA B 69 7.90 25.97 -27.34
N PHE B 70 8.98 25.23 -27.11
CA PHE B 70 9.68 25.27 -25.82
C PHE B 70 11.19 25.33 -26.00
N THR B 71 11.89 25.84 -25.00
CA THR B 71 13.34 25.96 -25.09
C THR B 71 13.98 25.41 -23.85
N LEU B 72 15.16 24.81 -24.02
CA LEU B 72 16.08 24.54 -22.92
C LEU B 72 17.29 25.43 -23.11
N THR B 73 17.72 26.08 -22.04
CA THR B 73 18.85 27.00 -22.08
C THR B 73 19.92 26.58 -21.08
N ILE B 74 21.17 26.53 -21.52
CA ILE B 74 22.31 26.44 -20.62
C ILE B 74 23.02 27.77 -20.71
N SER B 75 23.16 28.45 -19.58
CA SER B 75 23.58 29.83 -19.57
C SER B 75 25.10 29.98 -19.63
N SER B 76 25.84 29.01 -19.08
CA SER B 76 27.29 28.95 -19.28
C SER B 76 27.85 27.52 -19.26
N LEU B 77 27.92 26.94 -20.45
CA LEU B 77 28.27 25.54 -20.68
C LEU B 77 29.53 25.07 -19.94
N GLN B 78 29.42 23.94 -19.26
CA GLN B 78 30.58 23.29 -18.62
C GLN B 78 30.93 21.96 -19.30
N PRO B 79 32.17 21.51 -19.14
CA PRO B 79 32.57 20.24 -19.76
C PRO B 79 31.67 19.04 -19.42
N ASP B 80 31.14 18.98 -18.21
CA ASP B 80 30.24 17.90 -17.83
C ASP B 80 28.80 18.05 -18.34
N ASP B 81 28.51 19.13 -19.05
CA ASP B 81 27.20 19.23 -19.73
C ASP B 81 27.20 18.51 -21.07
N PHE B 82 28.32 17.85 -21.38
CA PHE B 82 28.38 16.96 -22.50
C PHE B 82 27.38 15.84 -22.28
N ALA B 83 26.45 15.70 -23.23
CA ALA B 83 25.34 14.78 -23.10
C ALA B 83 24.42 14.87 -24.30
N THR B 84 23.42 14.00 -24.33
CA THR B 84 22.29 14.13 -25.23
C THR B 84 21.07 14.55 -24.39
N TYR B 85 20.34 15.53 -24.90
CA TYR B 85 19.25 16.15 -24.18
C TYR B 85 17.98 15.84 -24.93
N TYR B 86 16.99 15.29 -24.23
CA TYR B 86 15.70 14.96 -24.86
C TYR B 86 14.54 15.71 -24.20
N CYS B 87 13.62 16.20 -24.99
CA CYS B 87 12.35 16.70 -24.45
C CYS B 87 11.37 15.53 -24.40
N PHE B 88 10.41 15.63 -23.47
CA PHE B 88 9.48 14.55 -23.23
C PHE B 88 8.16 15.13 -22.86
N GLN B 89 7.08 14.62 -23.43
CA GLN B 89 5.75 15.07 -23.05
C GLN B 89 4.96 13.94 -22.43
N GLY B 90 4.29 14.23 -21.32
CA GLY B 90 3.39 13.30 -20.66
C GLY B 90 1.95 13.78 -20.67
N SER B 91 1.64 14.76 -21.50
CA SER B 91 0.29 15.30 -21.54
C SER B 91 -0.69 14.35 -22.26
N GLY B 92 -0.16 13.43 -23.07
CA GLY B 92 -1.01 12.57 -23.87
C GLY B 92 -0.40 11.22 -24.09
N TYR B 93 -1.26 10.20 -24.15
CA TYR B 93 -0.82 8.86 -24.51
C TYR B 93 -0.86 8.69 -26.02
N PRO B 94 0.17 8.08 -26.61
CA PRO B 94 1.36 7.58 -25.95
C PRO B 94 2.27 8.73 -25.57
N PHE B 95 3.07 8.51 -24.54
CA PHE B 95 4.11 9.43 -24.16
C PHE B 95 5.16 9.39 -25.22
N THR B 96 5.83 10.51 -25.43
CA THR B 96 6.80 10.60 -26.49
C THR B 96 7.95 11.49 -26.10
N PHE B 97 9.12 11.20 -26.67
CA PHE B 97 10.33 12.02 -26.52
C PHE B 97 10.70 12.67 -27.83
N GLY B 98 11.35 13.82 -27.76
CA GLY B 98 12.01 14.35 -28.98
C GLY B 98 13.15 13.45 -29.44
N GLY B 99 13.63 13.66 -30.65
CA GLY B 99 14.75 12.87 -31.20
C GLY B 99 16.12 13.09 -30.55
N GLY B 100 16.24 14.12 -29.74
CA GLY B 100 17.49 14.40 -29.04
C GLY B 100 18.35 15.48 -29.67
N THR B 101 19.28 15.98 -28.88
CA THR B 101 20.24 16.98 -29.32
C THR B 101 21.57 16.67 -28.66
N LYS B 102 22.61 16.36 -29.44
CA LYS B 102 23.94 16.14 -28.86
C LYS B 102 24.66 17.45 -28.59
N VAL B 103 25.02 17.71 -27.34
CA VAL B 103 25.88 18.84 -27.02
C VAL B 103 27.33 18.38 -26.91
N GLU B 104 28.20 18.96 -27.74
CA GLU B 104 29.63 18.66 -27.71
C GLU B 104 30.35 19.92 -27.27
N ILE B 105 31.54 19.73 -26.70
CA ILE B 105 32.37 20.85 -26.25
C ILE B 105 33.49 21.16 -27.25
N LYS B 106 33.74 22.45 -27.45
CA LYS B 106 34.87 22.90 -28.22
C LYS B 106 35.85 23.46 -27.24
N ARG B 107 37.12 23.11 -27.45
CA ARG B 107 38.18 23.57 -26.58
C ARG B 107 39.44 23.75 -27.44
N THR B 108 40.55 24.05 -26.78
CA THR B 108 41.83 24.22 -27.44
C THR B 108 42.43 22.90 -27.89
N VAL B 109 43.40 22.99 -28.79
CA VAL B 109 43.99 21.82 -29.42
C VAL B 109 44.88 21.13 -28.41
N ALA B 110 44.84 19.81 -28.42
CA ALA B 110 45.71 18.96 -27.61
C ALA B 110 46.16 17.77 -28.44
N ALA B 111 47.47 17.59 -28.53
CA ALA B 111 48.06 16.49 -29.28
C ALA B 111 47.84 15.18 -28.56
N PRO B 112 47.73 14.08 -29.31
CA PRO B 112 47.61 12.78 -28.67
C PRO B 112 48.93 12.33 -28.09
N SER B 113 48.90 11.62 -26.96
CA SER B 113 50.03 10.82 -26.54
C SER B 113 49.80 9.45 -27.17
N VAL B 114 50.82 8.96 -27.86
CA VAL B 114 50.69 7.79 -28.71
C VAL B 114 51.48 6.63 -28.15
N PHE B 115 50.87 5.45 -28.15
CA PHE B 115 51.49 4.23 -27.68
C PHE B 115 51.12 3.09 -28.61
N ILE B 116 52.06 2.16 -28.80
CA ILE B 116 51.84 0.95 -29.58
C ILE B 116 52.09 -0.29 -28.74
N PHE B 117 51.23 -1.31 -28.90
CA PHE B 117 51.35 -2.56 -28.15
C PHE B 117 51.51 -3.74 -29.08
N PRO B 118 52.51 -4.59 -28.82
CA PRO B 118 52.63 -5.79 -29.60
C PRO B 118 51.62 -6.81 -29.10
N PRO B 119 51.30 -7.81 -29.93
CA PRO B 119 50.43 -8.88 -29.50
C PRO B 119 51.05 -9.71 -28.39
N SER B 120 50.23 -10.17 -27.45
CA SER B 120 50.72 -10.98 -26.34
C SER B 120 51.13 -12.34 -26.84
N ASP B 121 52.05 -12.98 -26.13
CA ASP B 121 52.38 -14.38 -26.39
C ASP B 121 51.14 -15.26 -26.27
N GLU B 122 50.33 -14.98 -25.25
CA GLU B 122 49.12 -15.72 -24.99
C GLU B 122 48.22 -15.74 -26.22
N GLN B 123 48.06 -14.58 -26.87
CA GLN B 123 47.20 -14.50 -28.06
C GLN B 123 47.80 -15.23 -29.24
N LEU B 124 49.10 -15.01 -29.47
CA LEU B 124 49.80 -15.67 -30.56
C LEU B 124 49.69 -17.19 -30.52
N LYS B 125 49.44 -17.76 -29.35
CA LYS B 125 49.21 -19.20 -29.20
C LYS B 125 47.92 -19.61 -29.94
N SER B 126 46.90 -18.74 -29.91
CA SER B 126 45.79 -18.88 -30.84
C SER B 126 46.30 -18.50 -32.23
N GLY B 127 45.43 -18.55 -33.24
CA GLY B 127 45.85 -18.19 -34.61
C GLY B 127 46.12 -16.70 -34.88
N THR B 128 45.54 -15.81 -34.07
CA THR B 128 45.49 -14.38 -34.37
C THR B 128 46.59 -13.57 -33.71
N ALA B 129 46.91 -12.43 -34.33
CA ALA B 129 47.79 -11.43 -33.73
C ALA B 129 47.16 -10.04 -33.84
N SER B 130 46.84 -9.43 -32.71
CA SER B 130 46.23 -8.11 -32.68
C SER B 130 47.26 -7.08 -32.21
N VAL B 131 47.60 -6.15 -33.10
CA VAL B 131 48.55 -5.10 -32.79
C VAL B 131 47.77 -3.84 -32.52
N VAL B 132 48.00 -3.24 -31.35
CA VAL B 132 47.16 -2.13 -30.92
C VAL B 132 47.92 -0.82 -30.84
N CYS B 133 47.26 0.23 -31.29
CA CYS B 133 47.78 1.57 -31.19
C CYS B 133 46.82 2.46 -30.40
N LEU B 134 47.34 3.19 -29.43
CA LEU B 134 46.54 4.07 -28.59
C LEU B 134 46.92 5.52 -28.84
N LEU B 135 45.91 6.36 -29.10
CA LEU B 135 46.05 7.81 -29.15
C LEU B 135 45.27 8.29 -27.95
N ASN B 136 45.94 8.99 -27.05
CA ASN B 136 45.39 9.22 -25.75
C ASN B 136 45.19 10.72 -25.48
N ASN B 137 43.96 11.08 -25.14
CA ASN B 137 43.60 12.44 -24.71
C ASN B 137 43.97 13.54 -25.69
N PHE B 138 43.17 13.72 -26.74
CA PHE B 138 43.48 14.70 -27.77
C PHE B 138 42.24 15.47 -28.18
N TYR B 139 42.45 16.58 -28.89
CA TYR B 139 41.37 17.39 -29.43
C TYR B 139 41.90 18.15 -30.61
N PRO B 140 41.17 18.15 -31.73
CA PRO B 140 39.84 17.61 -32.00
C PRO B 140 39.82 16.11 -32.30
N ARG B 141 38.64 15.58 -32.64
CA ARG B 141 38.48 14.15 -32.94
CA ARG B 141 38.41 14.17 -32.99
C ARG B 141 39.25 13.71 -34.19
N GLU B 142 39.41 14.61 -35.15
CA GLU B 142 40.05 14.32 -36.44
C GLU B 142 41.47 13.78 -36.25
N ALA B 143 41.76 12.61 -36.82
CA ALA B 143 43.09 12.02 -36.73
C ALA B 143 43.30 10.94 -37.80
N LYS B 144 44.48 10.92 -38.39
CA LYS B 144 44.85 9.88 -39.35
C LYS B 144 45.70 8.92 -38.56
N VAL B 145 45.44 7.63 -38.72
CA VAL B 145 46.27 6.63 -38.07
C VAL B 145 46.67 5.60 -39.10
N GLN B 146 47.97 5.55 -39.42
CA GLN B 146 48.48 4.69 -40.47
C GLN B 146 49.32 3.53 -39.94
N TRP B 147 49.17 2.38 -40.58
CA TRP B 147 49.95 1.20 -40.25
C TRP B 147 51.00 0.92 -41.31
N LYS B 148 52.25 0.86 -40.86
CA LYS B 148 53.37 0.41 -41.69
C LYS B 148 53.89 -0.90 -41.07
N VAL B 149 54.23 -1.85 -41.94
CA VAL B 149 54.65 -3.19 -41.54
C VAL B 149 55.78 -3.62 -42.48
N ASP B 150 57.01 -3.55 -41.99
CA ASP B 150 58.21 -3.56 -42.83
C ASP B 150 58.10 -2.45 -43.91
N ASN B 151 57.46 -1.34 -43.55
CA ASN B 151 57.22 -0.17 -44.42
C ASN B 151 56.12 -0.28 -45.48
N ALA B 152 55.45 -1.43 -45.59
CA ALA B 152 54.25 -1.54 -46.42
C ALA B 152 53.07 -0.91 -45.66
N LEU B 153 52.37 0.01 -46.31
CA LEU B 153 51.22 0.69 -45.71
C LEU B 153 50.02 -0.25 -45.80
N GLN B 154 49.49 -0.64 -44.64
CA GLN B 154 48.43 -1.64 -44.61
C GLN B 154 47.10 -0.99 -45.00
N SER B 155 46.11 -1.84 -45.32
CA SER B 155 44.80 -1.35 -45.76
C SER B 155 43.71 -2.40 -45.63
N GLY B 156 42.55 -2.01 -45.12
CA GLY B 156 41.41 -2.90 -44.97
C GLY B 156 41.48 -3.87 -43.80
N ASN B 157 42.52 -3.77 -42.97
CA ASN B 157 42.78 -4.77 -41.91
C ASN B 157 43.06 -4.18 -40.52
N SER B 158 42.56 -2.97 -40.26
CA SER B 158 42.52 -2.43 -38.91
C SER B 158 41.19 -1.73 -38.68
N GLN B 159 40.74 -1.70 -37.43
CA GLN B 159 39.50 -1.02 -37.05
C GLN B 159 39.82 0.09 -36.06
N GLU B 160 39.18 1.24 -36.18
CA GLU B 160 39.34 2.32 -35.21
C GLU B 160 38.16 2.35 -34.27
N SER B 161 38.41 2.70 -33.03
CA SER B 161 37.36 2.86 -32.07
C SER B 161 37.65 4.09 -31.21
N VAL B 162 36.62 4.91 -30.96
CA VAL B 162 36.84 6.17 -30.26
C VAL B 162 35.93 6.36 -29.03
N THR B 163 36.48 6.93 -27.96
CA THR B 163 35.70 7.20 -26.77
C THR B 163 34.81 8.41 -26.95
N GLU B 164 33.80 8.50 -26.10
CA GLU B 164 32.99 9.69 -26.03
C GLU B 164 33.83 10.77 -25.38
N GLN B 165 33.51 12.03 -25.70
CA GLN B 165 34.23 13.16 -25.15
C GLN B 165 34.25 13.10 -23.62
N ASP B 166 35.44 13.26 -23.04
CA ASP B 166 35.62 13.27 -21.58
C ASP B 166 34.79 14.39 -20.90
N SER B 167 34.23 14.09 -19.73
CA SER B 167 33.31 14.98 -19.08
C SER B 167 34.02 16.01 -18.21
N LYS B 168 35.31 15.80 -17.99
CA LYS B 168 36.10 16.75 -17.22
C LYS B 168 37.02 17.59 -18.10
N ASP B 169 37.68 16.97 -19.09
CA ASP B 169 38.64 17.71 -19.93
C ASP B 169 38.30 17.76 -21.43
N SER B 170 37.24 17.08 -21.84
CA SER B 170 36.66 17.25 -23.15
C SER B 170 37.51 16.67 -24.26
N THR B 171 38.50 15.85 -23.93
CA THR B 171 39.32 15.25 -24.96
C THR B 171 38.74 13.92 -25.45
N TYR B 172 39.37 13.36 -26.48
CA TYR B 172 39.05 12.05 -27.00
C TYR B 172 40.26 11.17 -26.82
N SER B 173 39.98 9.87 -26.78
CA SER B 173 40.99 8.84 -26.87
C SER B 173 40.54 7.90 -27.97
N LEU B 174 41.50 7.24 -28.61
CA LEU B 174 41.23 6.42 -29.76
C LEU B 174 42.17 5.21 -29.79
N SER B 175 41.67 4.04 -30.20
CA SER B 175 42.53 2.88 -30.41
C SER B 175 42.38 2.42 -31.84
N SER B 176 43.49 2.02 -32.45
CA SER B 176 43.48 1.43 -33.78
C SER B 176 44.02 0.00 -33.68
N THR B 177 43.26 -0.97 -34.19
CA THR B 177 43.59 -2.40 -34.00
C THR B 177 43.84 -3.12 -35.32
N LEU B 178 45.13 -3.34 -35.59
CA LEU B 178 45.57 -4.07 -36.77
C LEU B 178 45.54 -5.56 -36.45
N THR B 179 44.73 -6.30 -37.21
CA THR B 179 44.50 -7.71 -36.93
C THR B 179 45.15 -8.53 -38.03
N LEU B 180 45.87 -9.57 -37.62
CA LEU B 180 46.59 -10.44 -38.53
C LEU B 180 46.53 -11.90 -38.11
N SER B 181 46.88 -12.77 -39.05
CA SER B 181 47.20 -14.15 -38.74
C SER B 181 48.60 -14.19 -38.13
N LYS B 182 48.79 -15.14 -37.22
CA LYS B 182 50.12 -15.46 -36.69
C LYS B 182 51.10 -15.66 -37.86
N ALA B 183 50.67 -16.38 -38.88
CA ALA B 183 51.51 -16.63 -40.06
C ALA B 183 52.05 -15.32 -40.65
N ASP B 184 51.14 -14.38 -40.92
CA ASP B 184 51.52 -13.08 -41.47
C ASP B 184 52.30 -12.23 -40.47
N TYR B 185 52.05 -12.44 -39.19
CA TYR B 185 52.72 -11.65 -38.16
C TYR B 185 54.20 -12.00 -38.02
N GLU B 186 54.53 -13.28 -37.96
CA GLU B 186 55.92 -13.73 -37.76
C GLU B 186 56.78 -13.57 -39.01
N LYS B 187 56.13 -13.51 -40.18
CA LYS B 187 56.84 -13.25 -41.43
C LYS B 187 57.60 -11.92 -41.39
N HIS B 188 56.98 -10.90 -40.80
CA HIS B 188 57.53 -9.55 -40.82
C HIS B 188 58.17 -9.19 -39.49
N LYS B 189 58.97 -8.12 -39.49
CA LYS B 189 59.80 -7.77 -38.33
C LYS B 189 59.28 -6.53 -37.60
N VAL B 190 59.35 -5.38 -38.25
CA VAL B 190 59.13 -4.10 -37.59
C VAL B 190 57.75 -3.52 -37.85
N TYR B 191 57.00 -3.32 -36.77
CA TYR B 191 55.62 -2.84 -36.83
C TYR B 191 55.56 -1.41 -36.35
N ALA B 192 54.79 -0.58 -37.04
CA ALA B 192 54.80 0.85 -36.78
C ALA B 192 53.41 1.52 -36.89
N CYS B 193 53.12 2.36 -35.91
CA CYS B 193 51.90 3.16 -35.87
C CYS B 193 52.28 4.61 -36.18
N GLU B 194 51.64 5.22 -37.17
CA GLU B 194 51.98 6.60 -37.56
C GLU B 194 50.77 7.54 -37.44
N VAL B 195 50.87 8.47 -36.51
CA VAL B 195 49.77 9.37 -36.18
C VAL B 195 49.99 10.76 -36.75
N THR B 196 48.97 11.28 -37.41
CA THR B 196 48.94 12.66 -37.86
C THR B 196 47.78 13.36 -37.14
N HIS B 197 48.00 14.61 -36.74
CA HIS B 197 47.00 15.33 -35.96
C HIS B 197 47.39 16.79 -35.83
N GLN B 198 46.36 17.63 -35.82
CA GLN B 198 46.50 19.09 -35.86
C GLN B 198 47.45 19.66 -34.80
N GLY B 199 47.53 19.01 -33.65
CA GLY B 199 48.40 19.41 -32.55
C GLY B 199 49.79 18.83 -32.62
N LEU B 200 50.08 18.05 -33.66
CA LEU B 200 51.44 17.57 -33.94
C LEU B 200 51.96 18.28 -35.20
N SER B 201 53.05 19.03 -35.05
CA SER B 201 53.58 19.86 -36.13
C SER B 201 54.06 19.00 -37.29
N SER B 202 54.65 17.85 -36.96
CA SER B 202 54.90 16.79 -37.92
C SER B 202 54.40 15.48 -37.29
N PRO B 203 53.92 14.54 -38.13
CA PRO B 203 53.40 13.27 -37.63
C PRO B 203 54.29 12.58 -36.59
N VAL B 204 53.71 11.64 -35.85
CA VAL B 204 54.44 10.88 -34.83
C VAL B 204 54.31 9.39 -35.15
N THR B 205 55.43 8.69 -35.05
CA THR B 205 55.49 7.26 -35.32
C THR B 205 56.00 6.54 -34.06
N LYS B 206 55.28 5.53 -33.60
CA LYS B 206 55.79 4.62 -32.59
C LYS B 206 55.93 3.26 -33.26
N SER B 207 56.92 2.47 -32.85
CA SER B 207 57.19 1.19 -33.53
C SER B 207 57.80 0.12 -32.60
N PHE B 208 57.96 -1.08 -33.14
CA PHE B 208 58.66 -2.18 -32.44
C PHE B 208 59.13 -3.23 -33.43
N ASN B 209 60.03 -4.11 -32.97
CA ASN B 209 60.49 -5.27 -33.72
C ASN B 209 60.00 -6.60 -33.12
N ARG B 210 60.14 -7.68 -33.90
CA ARG B 210 59.87 -9.06 -33.46
C ARG B 210 58.38 -9.38 -33.52
N SER C 4 -13.02 22.11 -11.07
CA SER C 4 -13.57 23.49 -10.85
C SER C 4 -14.35 23.58 -9.53
N ASP C 5 -15.48 22.85 -9.46
CA ASP C 5 -16.18 22.65 -8.21
C ASP C 5 -15.48 21.55 -7.38
N MET C 6 -14.66 20.72 -8.02
CA MET C 6 -13.89 19.67 -7.31
C MET C 6 -12.84 20.24 -6.34
N ARG C 7 -12.35 21.44 -6.63
CA ARG C 7 -11.50 22.19 -5.71
C ARG C 7 -12.25 22.46 -4.40
N LYS C 8 -13.41 23.11 -4.54
CA LYS C 8 -14.22 23.57 -3.41
C LYS C 8 -14.68 22.44 -2.49
N ASP C 9 -15.09 21.33 -3.08
CA ASP C 9 -15.57 20.15 -2.34
C ASP C 9 -14.48 19.52 -1.48
N ALA C 10 -13.27 19.47 -2.02
CA ALA C 10 -12.14 18.86 -1.32
C ALA C 10 -11.61 19.81 -0.26
N GLU C 11 -11.39 21.08 -0.61
CA GLU C 11 -10.93 22.07 0.36
C GLU C 11 -11.85 22.07 1.59
N ARG C 12 -13.16 21.93 1.38
CA ARG C 12 -14.11 21.88 2.49
C ARG C 12 -13.98 20.57 3.27
N ARG C 13 -13.96 19.45 2.56
CA ARG C 13 -13.92 18.12 3.20
C ARG C 13 -12.68 17.99 4.10
N PHE C 14 -11.52 18.47 3.62
CA PHE C 14 -10.27 18.43 4.39
C PHE C 14 -10.25 19.37 5.58
N ASP C 15 -10.85 20.55 5.42
CA ASP C 15 -11.05 21.46 6.55
C ASP C 15 -11.87 20.78 7.64
N LYS C 16 -12.89 20.01 7.24
CA LYS C 16 -13.73 19.31 8.22
C LYS C 16 -12.88 18.40 9.09
N PHE C 17 -11.94 17.66 8.48
CA PHE C 17 -11.08 16.74 9.23
C PHE C 17 -10.32 17.40 10.37
N VAL C 18 -9.83 18.63 10.14
CA VAL C 18 -9.04 19.33 11.15
C VAL C 18 -9.93 19.93 12.24
N GLU C 19 -11.23 20.07 11.96
CA GLU C 19 -12.18 20.50 12.97
C GLU C 19 -12.52 19.36 13.92
N ALA C 20 -12.63 18.14 13.39
CA ALA C 20 -12.91 16.97 14.23
C ALA C 20 -11.76 16.79 15.19
N ALA C 21 -10.55 17.07 14.71
CA ALA C 21 -9.37 17.14 15.55
C ALA C 21 -9.43 18.33 16.51
N LYS C 22 -9.69 19.54 15.99
CA LYS C 22 -9.79 20.75 16.81
C LYS C 22 -10.76 20.58 18.00
N ASN C 23 -11.91 19.95 17.74
CA ASN C 23 -12.86 19.62 18.79
C ASN C 23 -12.26 18.65 19.81
N LYS C 24 -11.86 17.47 19.33
CA LYS C 24 -11.41 16.40 20.21
C LYS C 24 -10.17 16.78 21.03
N PHE C 25 -9.27 17.56 20.44
CA PHE C 25 -8.10 18.06 21.16
C PHE C 25 -8.50 19.06 22.24
N ASP C 26 -9.52 19.87 21.98
CA ASP C 26 -9.95 20.90 22.93
C ASP C 26 -10.62 20.33 24.18
N LYS C 27 -11.37 19.24 24.04
CA LYS C 27 -11.93 18.55 25.22
C LYS C 27 -10.84 17.78 25.95
N PHE C 28 -9.87 17.23 25.22
CA PHE C 28 -8.63 16.75 25.84
C PHE C 28 -7.99 17.92 26.60
N LYS C 29 -7.91 19.08 25.95
CA LYS C 29 -7.36 20.30 26.57
C LYS C 29 -8.14 20.72 27.82
N ALA C 30 -9.47 20.55 27.79
CA ALA C 30 -10.33 20.84 28.92
C ALA C 30 -10.11 19.81 30.02
N ASP C 44 -2.20 7.36 30.69
CA ASP C 44 -3.19 6.87 29.73
C ASP C 44 -3.56 7.94 28.68
N MET C 45 -3.37 9.22 29.04
CA MET C 45 -3.89 10.34 28.26
C MET C 45 -2.96 10.80 27.16
N LYS C 46 -1.67 10.93 27.47
CA LYS C 46 -0.66 11.20 26.44
C LYS C 46 -0.69 10.10 25.38
N LYS C 47 -0.98 8.88 25.80
CA LYS C 47 -1.21 7.76 24.90
C LYS C 47 -2.45 8.02 24.03
N LEU C 48 -3.54 8.45 24.67
CA LEU C 48 -4.80 8.74 23.99
C LEU C 48 -4.67 9.79 22.86
N ALA C 49 -3.98 10.88 23.15
CA ALA C 49 -3.81 11.99 22.18
C ALA C 49 -2.91 11.61 21.00
N ARG C 50 -1.94 10.71 21.24
CA ARG C 50 -1.12 10.18 20.15
C ARG C 50 -1.92 9.21 19.25
N LYS C 51 -2.90 8.53 19.84
CA LYS C 51 -3.82 7.67 19.08
C LYS C 51 -4.68 8.50 18.15
N GLU C 52 -5.26 9.58 18.68
CA GLU C 52 -6.09 10.51 17.90
C GLU C 52 -5.31 11.15 16.75
N ALA C 53 -4.03 11.44 16.97
CA ALA C 53 -3.16 11.96 15.92
C ALA C 53 -3.04 10.98 14.74
N GLU C 54 -2.71 9.72 15.06
CA GLU C 54 -2.56 8.66 14.07
C GLU C 54 -3.86 8.39 13.32
N GLN C 55 -5.00 8.46 14.00
CA GLN C 55 -6.31 8.28 13.35
C GLN C 55 -6.61 9.35 12.31
N ALA C 56 -6.42 10.61 12.70
CA ALA C 56 -6.79 11.74 11.85
C ALA C 56 -5.86 11.91 10.65
N ARG C 57 -4.59 11.54 10.82
CA ARG C 57 -3.68 11.47 9.68
C ARG C 57 -4.10 10.31 8.77
N ARG C 58 -4.48 9.18 9.38
CA ARG C 58 -4.95 8.05 8.61
C ARG C 58 -6.25 8.37 7.84
N ALA C 59 -7.06 9.28 8.37
CA ALA C 59 -8.28 9.74 7.70
C ALA C 59 -7.99 10.67 6.51
N VAL C 60 -6.93 11.46 6.64
CA VAL C 60 -6.54 12.40 5.60
C VAL C 60 -5.90 11.65 4.42
N ARG C 61 -4.97 10.76 4.75
CA ARG C 61 -4.37 9.83 3.80
C ARG C 61 -5.45 9.02 3.05
N ASN C 62 -6.33 8.35 3.80
CA ASN C 62 -7.36 7.52 3.16
C ASN C 62 -8.20 8.34 2.17
N ARG C 63 -8.47 9.60 2.50
CA ARG C 63 -9.38 10.41 1.70
C ARG C 63 -8.64 10.90 0.48
N LEU C 64 -7.41 11.33 0.69
CA LEU C 64 -6.50 11.58 -0.41
C LEU C 64 -6.54 10.40 -1.39
N SER C 65 -6.28 9.20 -0.88
CA SER C 65 -6.21 8.03 -1.74
C SER C 65 -7.49 7.80 -2.51
N GLU C 66 -8.62 8.06 -1.85
CA GLU C 66 -9.92 7.80 -2.42
C GLU C 66 -10.14 8.73 -3.60
N LEU C 67 -9.71 9.98 -3.43
CA LEU C 67 -9.91 11.02 -4.42
C LEU C 67 -9.04 10.80 -5.65
N LEU C 68 -7.81 10.38 -5.41
CA LEU C 68 -6.91 10.06 -6.49
C LEU C 68 -7.48 8.93 -7.35
N SER C 69 -8.09 7.93 -6.72
CA SER C 69 -8.72 6.84 -7.47
C SER C 69 -9.81 7.40 -8.33
N LYS C 70 -10.71 8.16 -7.73
CA LYS C 70 -11.81 8.75 -8.47
C LYS C 70 -11.29 9.63 -9.63
N ILE C 71 -10.20 10.38 -9.37
CA ILE C 71 -9.60 11.23 -10.38
C ILE C 71 -9.06 10.39 -11.54
N ASN C 72 -8.27 9.38 -11.21
CA ASN C 72 -7.69 8.54 -12.24
C ASN C 72 -8.73 7.77 -13.05
N ASP C 73 -9.91 7.55 -12.48
CA ASP C 73 -11.02 6.91 -13.21
C ASP C 73 -11.78 7.84 -14.15
N MET C 74 -11.64 9.16 -13.98
CA MET C 74 -12.41 10.10 -14.78
C MET C 74 -11.90 10.14 -16.21
N PRO C 75 -12.80 10.28 -17.19
CA PRO C 75 -12.40 10.39 -18.59
C PRO C 75 -11.92 11.80 -18.98
N ILE C 76 -10.80 12.21 -18.41
CA ILE C 76 -10.26 13.56 -18.63
C ILE C 76 -8.81 13.46 -19.11
N THR C 77 -8.23 14.60 -19.46
CA THR C 77 -6.86 14.65 -19.93
C THR C 77 -5.92 14.42 -18.76
N ASN C 78 -4.67 14.08 -19.09
CA ASN C 78 -3.67 13.90 -18.07
C ASN C 78 -3.36 15.21 -17.38
N ASP C 79 -3.26 16.30 -18.14
CA ASP C 79 -3.00 17.60 -17.54
C ASP C 79 -4.06 17.87 -16.47
N GLN C 80 -5.31 17.53 -16.78
CA GLN C 80 -6.41 17.75 -15.83
C GLN C 80 -6.32 16.83 -14.62
N LYS C 81 -6.00 15.55 -14.85
CA LYS C 81 -5.77 14.64 -13.73
C LYS C 81 -4.63 15.15 -12.85
N LYS C 82 -3.67 15.82 -13.49
CA LYS C 82 -2.50 16.36 -12.80
C LYS C 82 -2.83 17.61 -11.98
N LEU C 83 -3.62 18.53 -12.54
CA LEU C 83 -4.04 19.72 -11.80
C LEU C 83 -4.89 19.32 -10.60
N MET C 84 -5.78 18.37 -10.82
CA MET C 84 -6.73 17.97 -9.81
C MET C 84 -6.05 17.19 -8.69
N SER C 85 -5.14 16.32 -9.05
CA SER C 85 -4.42 15.52 -8.06
C SER C 85 -3.47 16.38 -7.22
N ASN C 86 -2.89 17.41 -7.83
CA ASN C 86 -2.02 18.35 -7.11
C ASN C 86 -2.81 19.30 -6.23
N ASP C 87 -4.00 19.71 -6.67
CA ASP C 87 -4.91 20.52 -5.83
C ASP C 87 -5.21 19.76 -4.55
N VAL C 88 -5.58 18.51 -4.74
CA VAL C 88 -6.03 17.64 -3.66
C VAL C 88 -4.87 17.24 -2.76
N LEU C 89 -3.69 17.05 -3.31
CA LEU C 89 -2.52 16.75 -2.48
C LEU C 89 -2.16 17.90 -1.54
N LYS C 90 -2.20 19.12 -2.09
CA LYS C 90 -1.83 20.31 -1.36
C LYS C 90 -2.75 20.56 -0.14
N PHE C 91 -4.05 20.31 -0.28
CA PHE C 91 -5.00 20.47 0.85
C PHE C 91 -4.80 19.39 1.89
N ALA C 92 -4.65 18.15 1.42
CA ALA C 92 -4.39 17.04 2.30
C ALA C 92 -3.14 17.28 3.11
N ALA C 93 -2.12 17.85 2.46
CA ALA C 93 -0.87 18.18 3.16
C ALA C 93 -1.07 19.33 4.12
N GLU C 94 -1.79 20.37 3.68
CA GLU C 94 -2.11 21.50 4.55
C GLU C 94 -2.86 21.04 5.81
N ALA C 95 -3.67 19.98 5.66
CA ALA C 95 -4.38 19.39 6.79
C ALA C 95 -3.46 18.62 7.72
N GLU C 96 -2.56 17.80 7.19
CA GLU C 96 -1.60 17.08 8.03
C GLU C 96 -0.79 18.07 8.86
N LYS C 97 -0.41 19.19 8.24
CA LYS C 97 0.33 20.25 8.94
C LYS C 97 -0.51 20.82 10.08
N LYS C 98 -1.71 21.30 9.75
CA LYS C 98 -2.59 21.92 10.75
C LYS C 98 -2.85 20.97 11.93
N ILE C 99 -3.08 19.69 11.63
CA ILE C 99 -3.29 18.65 12.66
C ILE C 99 -2.02 18.30 13.42
N GLU C 100 -0.88 18.26 12.72
CA GLU C 100 0.41 18.07 13.40
C GLU C 100 0.64 19.16 14.46
N ALA C 101 0.17 20.37 14.18
CA ALA C 101 0.27 21.49 15.13
C ALA C 101 -0.53 21.27 16.42
N LEU C 102 -1.63 20.54 16.31
CA LEU C 102 -2.51 20.26 17.46
C LEU C 102 -1.94 19.21 18.41
N ALA C 103 -1.22 18.22 17.87
CA ALA C 103 -0.50 17.24 18.69
C ALA C 103 0.59 17.90 19.53
N ALA C 104 1.27 18.86 18.92
CA ALA C 104 2.28 19.67 19.59
C ALA C 104 1.67 20.47 20.74
N ASP C 105 0.42 20.90 20.59
CA ASP C 105 -0.29 21.64 21.65
C ASP C 105 -0.49 20.75 22.89
N ALA C 106 -0.60 19.45 22.67
CA ALA C 106 -0.62 18.48 23.76
C ALA C 106 0.81 18.15 24.22
N GLU C 107 1.57 17.45 23.36
CA GLU C 107 2.93 16.97 23.68
C GLU C 107 3.76 17.94 24.52
N GLN D 1 -4.46 -2.26 17.20
CA GLN D 1 -4.40 -3.46 16.31
C GLN D 1 -5.48 -3.33 15.21
N VAL D 2 -6.29 -4.37 15.07
CA VAL D 2 -7.23 -4.47 13.95
C VAL D 2 -8.59 -3.84 14.27
N THR D 3 -8.93 -2.78 13.54
CA THR D 3 -10.20 -2.09 13.68
C THR D 3 -10.95 -2.17 12.38
N LEU D 4 -12.28 -2.09 12.44
CA LEU D 4 -13.11 -1.82 11.25
C LEU D 4 -14.20 -0.84 11.65
N ARG D 5 -14.60 0.04 10.73
CA ARG D 5 -15.61 1.04 11.02
C ARG D 5 -16.56 1.24 9.85
N GLU D 6 -17.83 0.92 10.09
CA GLU D 6 -18.87 1.11 9.10
C GLU D 6 -19.35 2.56 9.06
N SER D 7 -19.78 3.00 7.89
CA SER D 7 -20.43 4.29 7.80
C SER D 7 -21.36 4.31 6.61
N GLY D 8 -22.25 5.30 6.61
CA GLY D 8 -23.30 5.43 5.60
C GLY D 8 -24.51 6.09 6.22
N PRO D 9 -25.56 6.25 5.42
CA PRO D 9 -26.72 6.93 5.95
C PRO D 9 -27.52 6.10 6.94
N ALA D 10 -28.15 6.79 7.88
CA ALA D 10 -29.01 6.18 8.86
C ALA D 10 -30.41 5.93 8.29
N LEU D 11 -30.68 6.51 7.13
CA LEU D 11 -32.00 6.60 6.62
C LEU D 11 -31.95 6.61 5.10
N VAL D 12 -32.70 5.70 4.50
CA VAL D 12 -32.80 5.64 3.05
C VAL D 12 -34.25 5.36 2.69
N LYS D 13 -34.74 5.96 1.62
CA LYS D 13 -36.13 5.79 1.27
C LYS D 13 -36.34 4.46 0.53
N PRO D 14 -37.52 3.86 0.67
CA PRO D 14 -37.78 2.63 -0.08
C PRO D 14 -37.57 2.83 -1.58
N THR D 15 -37.05 1.79 -2.25
CA THR D 15 -36.64 1.78 -3.67
C THR D 15 -35.29 2.44 -4.00
N GLN D 16 -34.71 3.19 -3.09
CA GLN D 16 -33.42 3.82 -3.34
C GLN D 16 -32.31 2.85 -2.96
N THR D 17 -31.09 3.29 -3.22
CA THR D 17 -29.88 2.50 -3.04
C THR D 17 -29.17 2.93 -1.79
N LEU D 18 -28.68 1.96 -1.04
CA LEU D 18 -27.87 2.21 0.13
C LEU D 18 -26.41 1.95 -0.21
N THR D 19 -25.53 2.85 0.22
CA THR D 19 -24.11 2.72 0.02
C THR D 19 -23.43 2.72 1.37
N LEU D 20 -22.79 1.62 1.73
CA LEU D 20 -22.07 1.52 2.99
C LEU D 20 -20.58 1.53 2.72
N THR D 21 -19.82 1.96 3.70
CA THR D 21 -18.41 2.08 3.53
C THR D 21 -17.78 1.56 4.77
N CYS D 22 -16.89 0.61 4.59
CA CYS D 22 -16.13 0.04 5.67
C CYS D 22 -14.77 0.65 5.55
N THR D 23 -14.22 1.13 6.65
CA THR D 23 -12.88 1.67 6.66
C THR D 23 -12.19 0.87 7.73
N PHE D 24 -10.96 0.45 7.47
CA PHE D 24 -10.27 -0.48 8.34
C PHE D 24 -8.80 -0.14 8.50
N SER D 25 -8.22 -0.61 9.59
CA SER D 25 -6.80 -0.46 9.84
C SER D 25 -6.25 -1.68 10.59
N GLY D 26 -4.94 -1.69 10.82
CA GLY D 26 -4.28 -2.81 11.46
C GLY D 26 -3.96 -3.95 10.50
N PHE D 27 -4.44 -3.82 9.26
CA PHE D 27 -4.12 -4.76 8.20
C PHE D 27 -4.42 -4.14 6.85
N SER D 28 -3.83 -4.73 5.82
CA SER D 28 -4.02 -4.27 4.46
C SER D 28 -4.80 -5.33 3.71
N LEU D 29 -5.69 -4.88 2.83
CA LEU D 29 -6.46 -5.80 2.02
C LEU D 29 -5.69 -6.28 0.80
N SER D 30 -4.48 -5.77 0.58
CA SER D 30 -3.60 -6.32 -0.46
C SER D 30 -2.76 -7.49 0.04
N THR D 31 -2.96 -7.92 1.29
CA THR D 31 -2.20 -9.04 1.85
C THR D 31 -2.87 -10.37 1.56
N ALA D 32 -2.08 -11.28 1.01
CA ALA D 32 -2.53 -12.61 0.62
C ALA D 32 -3.24 -13.32 1.76
N GLY D 33 -4.46 -13.73 1.50
CA GLY D 33 -5.29 -14.41 2.47
C GLY D 33 -6.33 -13.53 3.12
N MET D 34 -6.22 -12.22 2.98
CA MET D 34 -7.17 -11.30 3.63
C MET D 34 -8.50 -11.18 2.88
N SER D 35 -9.55 -10.87 3.65
CA SER D 35 -10.89 -10.62 3.13
C SER D 35 -11.71 -9.74 4.06
N VAL D 36 -12.76 -9.15 3.51
CA VAL D 36 -13.71 -8.38 4.30
C VAL D 36 -15.09 -8.79 3.85
N GLY D 37 -15.95 -9.13 4.81
CA GLY D 37 -17.35 -9.43 4.52
C GLY D 37 -18.34 -8.43 5.12
N TRP D 38 -19.62 -8.59 4.80
CA TRP D 38 -20.69 -7.81 5.43
C TRP D 38 -21.75 -8.75 5.97
N ILE D 39 -22.20 -8.44 7.20
CA ILE D 39 -23.26 -9.17 7.88
C ILE D 39 -24.32 -8.19 8.38
N ARG D 40 -25.60 -8.52 8.19
CA ARG D 40 -26.63 -7.66 8.72
C ARG D 40 -27.51 -8.37 9.71
N GLN D 41 -28.07 -7.60 10.63
CA GLN D 41 -28.95 -8.12 11.65
C GLN D 41 -30.20 -7.30 11.78
N PRO D 42 -31.36 -7.82 11.32
CA PRO D 42 -32.56 -7.04 11.53
C PRO D 42 -32.85 -6.88 13.02
N PRO D 43 -33.57 -5.83 13.41
CA PRO D 43 -33.87 -5.62 14.85
C PRO D 43 -34.41 -6.86 15.59
N GLY D 44 -33.61 -7.36 16.54
CA GLY D 44 -34.01 -8.50 17.38
C GLY D 44 -34.02 -9.88 16.72
N LYS D 45 -33.35 -10.01 15.58
CA LYS D 45 -33.45 -11.25 14.80
C LYS D 45 -32.06 -11.78 14.41
N ALA D 46 -32.04 -12.82 13.60
CA ALA D 46 -30.81 -13.54 13.34
C ALA D 46 -29.84 -12.81 12.41
N LEU D 47 -28.55 -13.02 12.66
CA LEU D 47 -27.50 -12.60 11.74
C LEU D 47 -27.63 -13.28 10.37
N GLU D 48 -27.41 -12.53 9.30
CA GLU D 48 -27.49 -13.02 7.92
C GLU D 48 -26.29 -12.46 7.14
N TRP D 49 -25.47 -13.35 6.57
CA TRP D 49 -24.28 -12.94 5.79
C TRP D 49 -24.68 -12.40 4.44
N LEU D 50 -24.06 -11.30 4.04
CA LEU D 50 -24.42 -10.64 2.80
C LEU D 50 -23.41 -10.80 1.65
N ALA D 51 -22.12 -10.71 1.93
CA ALA D 51 -21.11 -10.60 0.87
C ALA D 51 -19.71 -10.62 1.43
N ASP D 52 -18.75 -11.04 0.63
CA ASP D 52 -17.36 -10.74 0.99
C ASP D 52 -16.54 -10.44 -0.23
N ILE D 53 -15.34 -9.95 0.01
CA ILE D 53 -14.38 -9.68 -1.04
C ILE D 53 -13.02 -10.11 -0.53
N TRP D 54 -12.17 -10.59 -1.44
CA TRP D 54 -10.86 -11.13 -1.11
C TRP D 54 -9.76 -10.26 -1.72
N TRP D 55 -8.56 -10.31 -1.15
CA TRP D 55 -7.43 -9.56 -1.69
C TRP D 55 -7.22 -9.65 -3.21
N ASP D 56 -7.52 -10.81 -3.78
CA ASP D 56 -7.37 -11.06 -5.22
C ASP D 56 -8.58 -10.60 -6.07
N ASP D 57 -9.48 -9.83 -5.44
CA ASP D 57 -10.68 -9.28 -6.06
C ASP D 57 -11.79 -10.32 -6.30
N LYS D 58 -11.61 -11.54 -5.78
CA LYS D 58 -12.66 -12.55 -5.83
C LYS D 58 -13.79 -12.12 -4.87
N LYS D 59 -15.04 -12.21 -5.31
CA LYS D 59 -16.22 -11.68 -4.56
C LYS D 59 -17.26 -12.78 -4.35
N HIS D 60 -18.03 -12.69 -3.28
CA HIS D 60 -19.16 -13.61 -3.09
C HIS D 60 -20.38 -12.88 -2.54
N TYR D 61 -21.55 -13.41 -2.91
CA TYR D 61 -22.84 -12.83 -2.54
C TYR D 61 -23.82 -13.88 -2.04
N ASN D 62 -24.68 -13.47 -1.11
CA ASN D 62 -25.77 -14.30 -0.68
C ASN D 62 -26.87 -14.19 -1.72
N PRO D 63 -27.26 -15.31 -2.33
CA PRO D 63 -28.30 -15.24 -3.34
C PRO D 63 -29.69 -15.02 -2.75
N SER D 64 -29.85 -15.04 -1.44
CA SER D 64 -31.11 -14.61 -0.82
C SER D 64 -31.41 -13.13 -1.14
N LEU D 65 -30.35 -12.35 -1.40
CA LEU D 65 -30.45 -10.93 -1.78
C LEU D 65 -30.28 -10.76 -3.29
N LYS D 66 -30.77 -11.74 -4.05
CA LYS D 66 -30.44 -11.90 -5.48
C LYS D 66 -30.22 -10.61 -6.28
N ASP D 67 -28.99 -10.37 -6.73
CA ASP D 67 -28.71 -9.36 -7.76
C ASP D 67 -28.74 -7.91 -7.25
N ARG D 68 -28.90 -7.70 -5.96
CA ARG D 68 -29.05 -6.33 -5.45
C ARG D 68 -27.75 -5.79 -4.85
N LEU D 69 -26.71 -6.63 -4.79
CA LEU D 69 -25.47 -6.31 -4.10
C LEU D 69 -24.28 -6.09 -5.02
N THR D 70 -23.49 -5.09 -4.69
CA THR D 70 -22.24 -4.91 -5.34
C THR D 70 -21.23 -4.60 -4.26
N ILE D 71 -20.24 -5.46 -4.11
CA ILE D 71 -19.10 -5.18 -3.23
C ILE D 71 -17.92 -4.69 -4.08
N SER D 72 -17.05 -3.91 -3.48
CA SER D 72 -15.88 -3.38 -4.17
C SER D 72 -14.93 -2.81 -3.12
N LYS D 73 -13.70 -2.54 -3.54
CA LYS D 73 -12.66 -2.11 -2.62
C LYS D 73 -11.77 -1.05 -3.23
N ASP D 74 -11.09 -0.31 -2.35
CA ASP D 74 -10.05 0.65 -2.74
C ASP D 74 -8.95 0.46 -1.72
N THR D 75 -8.27 -0.68 -1.85
CA THR D 75 -7.17 -1.09 -0.97
C THR D 75 -6.26 0.01 -0.47
N SER D 76 -5.88 0.90 -1.38
CA SER D 76 -5.04 2.06 -1.05
C SER D 76 -5.64 3.01 -0.01
N ALA D 77 -6.96 3.18 -0.07
CA ALA D 77 -7.68 4.05 0.85
C ALA D 77 -8.25 3.27 2.04
N ASN D 78 -7.95 1.96 2.10
CA ASN D 78 -8.47 1.04 3.11
C ASN D 78 -9.99 1.05 3.22
N GLN D 79 -10.66 0.90 2.09
CA GLN D 79 -12.10 0.95 2.07
C GLN D 79 -12.70 -0.23 1.36
N VAL D 80 -13.88 -0.62 1.82
CA VAL D 80 -14.70 -1.57 1.12
C VAL D 80 -16.08 -0.97 1.05
N VAL D 81 -16.67 -0.93 -0.13
CA VAL D 81 -17.96 -0.33 -0.30
C VAL D 81 -18.94 -1.45 -0.59
N LEU D 82 -20.18 -1.33 -0.11
CA LEU D 82 -21.23 -2.26 -0.47
C LEU D 82 -22.47 -1.50 -0.91
N LYS D 83 -22.92 -1.72 -2.14
CA LYS D 83 -24.14 -1.08 -2.61
C LYS D 83 -25.28 -2.07 -2.58
N VAL D 84 -26.41 -1.66 -2.02
CA VAL D 84 -27.59 -2.51 -1.97
C VAL D 84 -28.69 -1.79 -2.71
N THR D 85 -29.08 -2.31 -3.87
CA THR D 85 -30.06 -1.59 -4.67
C THR D 85 -31.47 -1.91 -4.20
N ASN D 86 -32.40 -1.04 -4.56
CA ASN D 86 -33.83 -1.28 -4.36
C ASN D 86 -34.18 -1.71 -2.92
N MET D 87 -33.90 -0.83 -1.97
CA MET D 87 -34.13 -1.11 -0.56
C MET D 87 -35.62 -1.10 -0.24
N ASP D 88 -36.02 -1.93 0.71
CA ASP D 88 -37.38 -1.91 1.20
C ASP D 88 -37.42 -2.13 2.73
N PRO D 89 -38.59 -1.93 3.35
CA PRO D 89 -38.64 -2.00 4.81
C PRO D 89 -37.93 -3.20 5.44
N ALA D 90 -37.95 -4.36 4.81
CA ALA D 90 -37.28 -5.56 5.33
C ALA D 90 -35.75 -5.45 5.40
N ASP D 91 -35.17 -4.44 4.76
CA ASP D 91 -33.74 -4.25 4.80
C ASP D 91 -33.27 -3.41 5.98
N THR D 92 -34.22 -2.90 6.75
CA THR D 92 -33.94 -2.15 7.96
C THR D 92 -33.13 -3.09 8.87
N ALA D 93 -31.95 -2.66 9.30
CA ALA D 93 -31.05 -3.55 10.03
C ALA D 93 -29.79 -2.85 10.51
N THR D 94 -29.09 -3.51 11.44
CA THR D 94 -27.73 -3.16 11.71
C THR D 94 -26.83 -3.90 10.71
N TYR D 95 -25.92 -3.15 10.08
CA TYR D 95 -25.01 -3.69 9.11
C TYR D 95 -23.61 -3.64 9.70
N TYR D 96 -22.90 -4.76 9.59
CA TYR D 96 -21.54 -4.89 10.11
C TYR D 96 -20.58 -5.22 8.99
N CYS D 97 -19.36 -4.73 9.13
CA CYS D 97 -18.29 -5.23 8.32
C CYS D 97 -17.34 -5.96 9.26
N ALA D 98 -16.66 -6.96 8.73
CA ALA D 98 -15.80 -7.84 9.53
C ALA D 98 -14.67 -8.45 8.70
N ARG D 99 -13.56 -8.73 9.37
CA ARG D 99 -12.40 -9.30 8.72
C ARG D 99 -12.52 -10.82 8.62
N ASP D 100 -11.96 -11.38 7.55
CA ASP D 100 -11.90 -12.82 7.33
C ASP D 100 -10.57 -13.19 6.65
N MET D 101 -9.98 -14.32 7.04
CA MET D 101 -8.79 -14.84 6.35
C MET D 101 -9.08 -16.17 5.68
N ILE D 102 -8.33 -16.46 4.63
CA ILE D 102 -8.38 -17.75 3.97
C ILE D 102 -7.92 -18.86 4.92
N PHE D 103 -7.15 -18.47 5.93
CA PHE D 103 -6.69 -19.38 6.99
C PHE D 103 -7.84 -19.81 7.90
N ASN D 104 -8.94 -19.07 7.88
CA ASN D 104 -9.99 -19.17 8.89
C ASN D 104 -11.36 -19.56 8.36
N PHE D 105 -11.86 -18.76 7.42
CA PHE D 105 -13.26 -18.81 6.95
C PHE D 105 -14.27 -18.55 8.07
N TYR D 106 -13.88 -17.68 8.99
CA TYR D 106 -14.77 -17.08 9.99
C TYR D 106 -14.38 -15.59 10.20
N PHE D 107 -15.27 -14.82 10.79
CA PHE D 107 -15.01 -13.40 11.04
C PHE D 107 -14.50 -13.19 12.45
N ASP D 108 -13.24 -12.79 12.57
CA ASP D 108 -12.60 -12.68 13.89
C ASP D 108 -12.82 -11.31 14.52
N VAL D 109 -12.81 -10.26 13.69
CA VAL D 109 -12.95 -8.91 14.20
C VAL D 109 -14.03 -8.17 13.45
N TRP D 110 -14.89 -7.48 14.21
CA TRP D 110 -16.04 -6.75 13.64
C TRP D 110 -15.95 -5.28 13.91
N GLY D 111 -16.73 -4.52 13.14
CA GLY D 111 -16.98 -3.13 13.43
C GLY D 111 -18.11 -3.06 14.42
N GLN D 112 -18.41 -1.86 14.90
CA GLN D 112 -19.50 -1.69 15.85
C GLN D 112 -20.88 -1.75 15.17
N GLY D 113 -20.89 -1.61 13.85
CA GLY D 113 -22.13 -1.65 13.10
C GLY D 113 -22.77 -0.26 12.99
N THR D 114 -23.49 -0.10 11.89
CA THR D 114 -24.21 1.11 11.63
C THR D 114 -25.68 0.73 11.36
N THR D 115 -26.58 1.52 11.94
CA THR D 115 -27.98 1.22 11.89
C THR D 115 -28.56 1.88 10.67
N VAL D 116 -29.40 1.16 9.94
CA VAL D 116 -30.04 1.74 8.78
C VAL D 116 -31.54 1.51 8.86
N THR D 117 -32.30 2.57 8.61
CA THR D 117 -33.73 2.46 8.55
C THR D 117 -34.22 2.81 7.15
N VAL D 118 -35.16 2.01 6.63
CA VAL D 118 -35.75 2.31 5.35
C VAL D 118 -37.13 2.89 5.58
N SER D 119 -37.32 4.14 5.17
CA SER D 119 -38.53 4.85 5.46
C SER D 119 -38.68 6.10 4.63
N SER D 120 -39.95 6.43 4.37
CA SER D 120 -40.42 7.69 3.80
C SER D 120 -40.12 8.90 4.65
N ALA D 121 -40.14 8.72 5.96
CA ALA D 121 -40.17 9.84 6.88
C ALA D 121 -38.86 10.59 6.93
N SER D 122 -38.98 11.86 7.26
CA SER D 122 -37.85 12.77 7.32
C SER D 122 -37.18 12.63 8.66
N THR D 123 -35.90 12.92 8.70
CA THR D 123 -35.17 12.94 9.94
C THR D 123 -35.75 14.01 10.86
N LYS D 124 -35.69 13.77 12.17
CA LYS D 124 -36.13 14.74 13.17
C LYS D 124 -35.35 14.59 14.46
N GLY D 125 -34.86 15.70 14.99
CA GLY D 125 -34.03 15.70 16.18
C GLY D 125 -34.88 15.64 17.42
N PRO D 126 -34.33 15.13 18.52
CA PRO D 126 -35.13 14.97 19.71
C PRO D 126 -35.33 16.26 20.50
N SER D 127 -36.41 16.30 21.27
CA SER D 127 -36.53 17.16 22.44
C SER D 127 -36.07 16.39 23.68
N VAL D 128 -35.42 17.09 24.61
CA VAL D 128 -34.96 16.48 25.85
C VAL D 128 -35.50 17.19 27.08
N PHE D 129 -36.10 16.43 28.00
CA PHE D 129 -36.70 16.99 29.19
C PHE D 129 -36.14 16.29 30.40
N PRO D 130 -35.89 17.04 31.49
CA PRO D 130 -35.34 16.42 32.67
C PRO D 130 -36.38 15.61 33.38
N LEU D 131 -35.93 14.65 34.17
CA LEU D 131 -36.77 13.97 35.14
C LEU D 131 -36.14 14.24 36.47
N ALA D 132 -36.67 15.25 37.16
CA ALA D 132 -36.04 15.79 38.34
C ALA D 132 -36.28 14.88 39.53
N PRO D 133 -35.26 14.70 40.38
CA PRO D 133 -35.45 13.96 41.63
C PRO D 133 -36.36 14.69 42.62
N SER D 134 -37.03 13.93 43.49
CA SER D 134 -37.88 14.47 44.56
C SER D 134 -37.14 14.44 45.90
N SER D 135 -37.89 14.61 47.00
CA SER D 135 -37.35 14.41 48.35
C SER D 135 -38.45 14.13 49.36
N GLY D 141 -32.26 7.41 51.15
CA GLY D 141 -30.88 6.99 50.95
C GLY D 141 -30.43 7.05 49.50
N THR D 142 -31.34 6.75 48.58
CA THR D 142 -31.04 6.75 47.14
C THR D 142 -32.11 7.50 46.33
N ALA D 143 -31.66 8.32 45.38
CA ALA D 143 -32.57 9.06 44.50
C ALA D 143 -32.36 8.65 43.06
N ALA D 144 -33.42 8.79 42.27
CA ALA D 144 -33.38 8.56 40.84
C ALA D 144 -33.62 9.88 40.11
N LEU D 145 -32.93 10.08 39.00
CA LEU D 145 -33.15 11.22 38.11
C LEU D 145 -32.85 10.78 36.70
N GLY D 146 -33.41 11.47 35.71
CA GLY D 146 -33.25 11.01 34.34
C GLY D 146 -33.59 12.03 33.28
N CYS D 147 -33.53 11.58 32.03
CA CYS D 147 -33.79 12.40 30.88
C CYS D 147 -34.79 11.71 30.01
N LEU D 148 -35.82 12.44 29.62
CA LEU D 148 -36.78 11.98 28.65
C LEU D 148 -36.37 12.54 27.27
N VAL D 149 -36.09 11.62 26.34
CA VAL D 149 -35.63 11.96 25.03
C VAL D 149 -36.74 11.62 24.09
N LYS D 150 -37.32 12.61 23.45
CA LYS D 150 -38.59 12.43 22.81
C LYS D 150 -38.63 13.00 21.41
N ASP D 151 -39.42 12.36 20.55
CA ASP D 151 -39.80 12.88 19.23
C ASP D 151 -38.66 12.95 18.24
N TYR D 152 -37.96 11.84 18.06
CA TYR D 152 -36.86 11.82 17.08
C TYR D 152 -37.07 10.73 16.05
N PHE D 153 -36.41 10.88 14.92
CA PHE D 153 -36.43 9.85 13.90
C PHE D 153 -35.24 10.01 12.99
N PRO D 154 -34.59 8.89 12.63
CA PRO D 154 -34.86 7.54 13.05
C PRO D 154 -33.98 7.18 14.22
N GLU D 155 -33.95 5.91 14.60
CA GLU D 155 -32.94 5.43 15.54
C GLU D 155 -31.56 5.57 14.89
N PRO D 156 -30.49 5.64 15.71
CA PRO D 156 -30.44 5.54 17.17
C PRO D 156 -30.06 6.87 17.84
N VAL D 157 -30.37 7.02 19.13
CA VAL D 157 -29.79 8.10 19.96
C VAL D 157 -28.82 7.45 20.91
N THR D 158 -27.74 8.14 21.24
CA THR D 158 -26.91 7.72 22.36
C THR D 158 -27.11 8.71 23.49
N VAL D 159 -27.03 8.20 24.71
CA VAL D 159 -27.22 9.02 25.90
C VAL D 159 -26.16 8.67 26.89
N SER D 160 -25.44 9.68 27.37
CA SER D 160 -24.44 9.49 28.40
C SER D 160 -24.62 10.53 29.50
N TRP D 161 -23.91 10.35 30.60
CA TRP D 161 -24.07 11.22 31.77
C TRP D 161 -22.73 11.85 32.15
N ASN D 162 -22.76 13.18 32.32
CA ASN D 162 -21.56 13.96 32.61
C ASN D 162 -20.39 13.63 31.68
N SER D 163 -20.66 13.56 30.38
CA SER D 163 -19.66 13.26 29.35
C SER D 163 -18.97 11.91 29.59
N GLY D 164 -19.73 10.92 30.05
CA GLY D 164 -19.20 9.58 30.29
C GLY D 164 -18.64 9.35 31.69
N ALA D 165 -18.51 10.42 32.48
CA ALA D 165 -17.93 10.29 33.82
C ALA D 165 -18.77 9.40 34.73
N LEU D 166 -20.09 9.39 34.52
CA LEU D 166 -20.99 8.59 35.34
C LEU D 166 -21.61 7.43 34.56
N THR D 167 -21.34 6.21 35.01
CA THR D 167 -21.85 4.99 34.39
C THR D 167 -22.53 4.05 35.37
N SER D 168 -22.05 4.00 36.61
CA SER D 168 -22.68 3.14 37.62
C SER D 168 -24.14 3.57 37.86
N GLY D 169 -25.05 2.62 37.65
CA GLY D 169 -26.45 2.83 37.92
C GLY D 169 -27.19 3.49 36.79
N VAL D 170 -26.62 3.50 35.60
CA VAL D 170 -27.32 4.08 34.46
C VAL D 170 -28.16 3.01 33.79
N HIS D 171 -29.38 3.39 33.45
CA HIS D 171 -30.26 2.58 32.63
C HIS D 171 -30.80 3.41 31.48
N THR D 172 -30.54 2.99 30.25
CA THR D 172 -31.11 3.68 29.10
C THR D 172 -32.03 2.69 28.40
N PHE D 173 -33.31 3.04 28.31
CA PHE D 173 -34.33 2.12 27.90
C PHE D 173 -34.44 2.02 26.38
N PRO D 174 -34.86 0.85 25.88
CA PRO D 174 -35.20 0.75 24.45
C PRO D 174 -36.18 1.84 24.08
N ALA D 175 -36.12 2.32 22.85
CA ALA D 175 -37.04 3.33 22.39
C ALA D 175 -38.37 2.72 22.01
N VAL D 176 -39.47 3.43 22.26
CA VAL D 176 -40.74 3.01 21.72
C VAL D 176 -41.13 3.96 20.63
N LEU D 177 -41.71 3.38 19.58
CA LEU D 177 -42.21 4.15 18.48
C LEU D 177 -43.61 4.61 18.89
N GLN D 178 -43.75 5.91 19.09
CA GLN D 178 -45.03 6.46 19.55
C GLN D 178 -46.01 6.46 18.40
N SER D 179 -47.27 6.75 18.70
CA SER D 179 -48.31 6.72 17.67
C SER D 179 -48.14 7.79 16.60
N SER D 180 -47.28 8.75 16.86
CA SER D 180 -46.96 9.83 15.95
C SER D 180 -45.93 9.41 14.88
N GLY D 181 -45.34 8.24 15.06
CA GLY D 181 -44.29 7.79 14.16
C GLY D 181 -42.92 8.25 14.57
N LEU D 182 -42.76 8.79 15.78
CA LEU D 182 -41.47 9.21 16.28
C LEU D 182 -41.06 8.41 17.50
N TYR D 183 -39.77 8.28 17.75
CA TYR D 183 -39.32 7.43 18.86
C TYR D 183 -39.22 8.28 20.10
N SER D 184 -39.17 7.61 21.24
CA SER D 184 -39.09 8.24 22.53
C SER D 184 -38.46 7.25 23.48
N LEU D 185 -37.60 7.73 24.37
CA LEU D 185 -37.07 6.88 25.44
C LEU D 185 -36.63 7.68 26.65
N SER D 186 -36.47 6.98 27.76
CA SER D 186 -35.91 7.59 28.96
C SER D 186 -34.56 6.99 29.28
N SER D 187 -33.68 7.81 29.85
CA SER D 187 -32.44 7.34 30.45
C SER D 187 -32.47 7.80 31.88
N VAL D 188 -32.11 6.93 32.80
CA VAL D 188 -32.18 7.28 34.21
C VAL D 188 -30.93 6.87 34.96
N VAL D 189 -30.76 7.45 36.14
CA VAL D 189 -29.64 7.05 36.97
C VAL D 189 -30.00 7.20 38.45
N THR D 190 -29.58 6.20 39.23
CA THR D 190 -29.74 6.21 40.68
C THR D 190 -28.45 6.66 41.34
N VAL D 191 -28.59 7.56 42.29
CA VAL D 191 -27.46 8.16 43.00
C VAL D 191 -27.90 8.38 44.42
N PRO D 192 -26.93 8.60 45.34
CA PRO D 192 -27.34 8.84 46.72
C PRO D 192 -27.92 10.24 46.87
N SER D 193 -28.84 10.39 47.83
CA SER D 193 -29.49 11.67 48.07
C SER D 193 -28.49 12.74 48.53
N SER D 194 -27.43 12.32 49.22
CA SER D 194 -26.48 13.24 49.83
C SER D 194 -25.60 14.01 48.84
N SER D 195 -25.66 13.64 47.56
CA SER D 195 -24.88 14.33 46.54
C SER D 195 -25.67 15.41 45.78
N LEU D 196 -27.00 15.39 45.91
CA LEU D 196 -27.89 16.11 44.98
C LEU D 196 -27.69 17.62 44.81
N GLY D 197 -27.27 18.31 45.88
CA GLY D 197 -26.99 19.75 45.83
C GLY D 197 -25.60 20.04 45.30
N THR D 198 -24.59 19.45 45.97
CA THR D 198 -23.17 19.64 45.64
C THR D 198 -22.75 19.13 44.25
N GLN D 199 -23.38 18.05 43.78
CA GLN D 199 -22.96 17.37 42.55
C GLN D 199 -23.87 17.71 41.36
N THR D 200 -23.24 18.05 40.23
CA THR D 200 -23.95 18.38 39.01
C THR D 200 -24.26 17.13 38.20
N TYR D 201 -25.47 17.09 37.62
CA TYR D 201 -25.88 16.00 36.74
C TYR D 201 -26.41 16.54 35.42
N ILE D 202 -25.63 16.32 34.37
CA ILE D 202 -26.01 16.70 33.02
C ILE D 202 -26.12 15.45 32.17
N CYS D 203 -27.18 15.36 31.37
CA CYS D 203 -27.31 14.27 30.44
C CYS D 203 -26.94 14.75 29.03
N ASN D 204 -26.23 13.89 28.31
CA ASN D 204 -25.70 14.18 26.99
C ASN D 204 -26.39 13.36 25.93
N VAL D 205 -27.25 14.00 25.17
CA VAL D 205 -27.98 13.31 24.16
C VAL D 205 -27.40 13.66 22.81
N ASN D 206 -27.34 12.64 21.97
CA ASN D 206 -26.72 12.73 20.67
C ASN D 206 -27.49 11.91 19.66
N HIS D 207 -27.89 12.59 18.59
CA HIS D 207 -28.66 11.98 17.53
C HIS D 207 -28.01 12.36 16.23
N LYS D 208 -26.94 11.62 15.91
CA LYS D 208 -26.19 11.78 14.67
C LYS D 208 -27.06 11.86 13.42
N PRO D 209 -28.07 10.99 13.29
CA PRO D 209 -28.90 11.11 12.10
C PRO D 209 -29.35 12.51 11.74
N SER D 210 -29.74 13.32 12.72
CA SER D 210 -30.16 14.71 12.45
C SER D 210 -29.07 15.67 12.85
N ASN D 211 -27.89 15.14 13.19
CA ASN D 211 -26.76 15.91 13.72
C ASN D 211 -27.22 16.90 14.79
N THR D 212 -27.73 16.32 15.88
CA THR D 212 -28.25 17.10 16.98
C THR D 212 -27.67 16.57 18.28
N LYS D 213 -27.08 17.48 19.04
CA LYS D 213 -26.51 17.20 20.36
C LYS D 213 -27.18 18.14 21.37
N VAL D 214 -27.66 17.60 22.48
CA VAL D 214 -28.30 18.41 23.52
C VAL D 214 -27.72 18.04 24.88
N ASP D 215 -27.27 19.04 25.63
CA ASP D 215 -26.75 18.84 26.98
C ASP D 215 -27.73 19.43 28.00
N LYS D 216 -28.46 18.56 28.71
CA LYS D 216 -29.52 18.98 29.62
C LYS D 216 -29.18 18.78 31.09
N LYS D 217 -29.07 19.88 31.83
CA LYS D 217 -28.82 19.80 33.25
C LYS D 217 -30.10 19.35 33.93
N VAL D 218 -29.98 18.47 34.94
CA VAL D 218 -31.14 18.07 35.73
C VAL D 218 -30.93 18.46 37.18
N GLU D 219 -31.87 19.22 37.74
CA GLU D 219 -31.78 19.63 39.14
C GLU D 219 -33.04 19.31 39.93
N PRO D 220 -32.94 19.30 41.26
CA PRO D 220 -34.12 19.23 42.13
C PRO D 220 -35.06 20.41 41.92
N ASP E 1 -27.31 -24.58 0.17
CA ASP E 1 -26.89 -23.76 1.36
C ASP E 1 -27.13 -24.50 2.67
N ILE E 2 -26.15 -24.44 3.55
CA ILE E 2 -26.19 -25.19 4.79
C ILE E 2 -27.08 -24.42 5.77
N GLN E 3 -28.09 -25.09 6.29
CA GLN E 3 -29.03 -24.50 7.24
C GLN E 3 -28.74 -25.05 8.62
N MET E 4 -28.88 -24.21 9.65
CA MET E 4 -28.66 -24.65 11.02
C MET E 4 -29.91 -24.55 11.91
N THR E 5 -30.19 -25.63 12.62
CA THR E 5 -31.24 -25.67 13.62
C THR E 5 -30.54 -25.64 14.96
N GLN E 6 -30.79 -24.56 15.70
CA GLN E 6 -30.14 -24.33 17.00
C GLN E 6 -31.17 -24.63 18.08
N SER E 7 -30.79 -25.41 19.08
CA SER E 7 -31.74 -25.80 20.12
C SER E 7 -31.12 -25.72 21.51
N PRO E 8 -31.89 -25.23 22.50
CA PRO E 8 -33.18 -24.55 22.37
C PRO E 8 -32.98 -23.15 21.84
N SER E 9 -34.07 -22.45 21.52
CA SER E 9 -33.99 -21.04 21.07
C SER E 9 -33.95 -20.05 22.24
N THR E 10 -34.41 -20.49 23.41
CA THR E 10 -34.26 -19.74 24.65
C THR E 10 -34.05 -20.71 25.81
N LEU E 11 -33.45 -20.20 26.87
CA LEU E 11 -32.95 -21.02 27.95
C LEU E 11 -32.66 -20.14 29.16
N SER E 12 -32.93 -20.66 30.36
CA SER E 12 -32.81 -19.85 31.57
C SER E 12 -32.27 -20.67 32.74
N ALA E 13 -30.98 -20.53 33.02
CA ALA E 13 -30.31 -21.32 34.05
C ALA E 13 -29.73 -20.45 35.15
N SER E 14 -29.30 -21.08 36.23
CA SER E 14 -28.72 -20.40 37.40
C SER E 14 -27.18 -20.32 37.31
N VAL E 15 -26.60 -19.49 38.16
CA VAL E 15 -25.15 -19.33 38.23
C VAL E 15 -24.57 -20.64 38.75
N GLY E 16 -23.48 -21.10 38.14
CA GLY E 16 -22.85 -22.36 38.52
C GLY E 16 -23.42 -23.60 37.83
N ASP E 17 -24.30 -23.41 36.85
CA ASP E 17 -24.95 -24.51 36.13
C ASP E 17 -24.18 -24.86 34.88
N ARG E 18 -24.29 -26.12 34.43
CA ARG E 18 -23.83 -26.49 33.10
C ARG E 18 -24.93 -26.25 32.08
N VAL E 19 -24.52 -25.76 30.91
CA VAL E 19 -25.43 -25.33 29.87
C VAL E 19 -24.92 -25.78 28.50
N THR E 20 -25.80 -26.41 27.71
CA THR E 20 -25.41 -27.03 26.43
C THR E 20 -26.32 -26.57 25.29
N ILE E 21 -25.77 -25.86 24.33
CA ILE E 21 -26.50 -25.46 23.13
C ILE E 21 -26.03 -26.28 21.93
N THR E 22 -26.96 -26.94 21.27
CA THR E 22 -26.62 -27.76 20.11
C THR E 22 -26.94 -27.01 18.82
N CYS E 23 -26.30 -27.44 17.74
CA CYS E 23 -26.47 -26.83 16.44
C CYS E 23 -26.35 -27.91 15.37
N SER E 24 -27.38 -28.75 15.28
CA SER E 24 -27.47 -29.70 14.18
C SER E 24 -27.67 -28.95 12.85
N ALA E 25 -26.96 -29.39 11.81
CA ALA E 25 -27.03 -28.76 10.50
C ALA E 25 -27.56 -29.76 9.47
N SER E 26 -27.88 -29.26 8.28
CA SER E 26 -28.38 -30.09 7.20
C SER E 26 -27.27 -30.94 6.59
N SER E 27 -26.22 -30.30 6.09
CA SER E 27 -25.11 -30.98 5.41
C SER E 27 -23.86 -31.07 6.28
N ARG E 28 -22.90 -31.88 5.82
CA ARG E 28 -21.61 -32.00 6.49
C ARG E 28 -20.81 -30.70 6.37
N VAL E 29 -20.25 -30.26 7.48
CA VAL E 29 -19.34 -29.13 7.51
C VAL E 29 -18.06 -29.52 8.27
N GLY E 30 -16.91 -29.11 7.74
CA GLY E 30 -15.61 -29.42 8.35
C GLY E 30 -15.40 -28.81 9.74
N TYR E 31 -15.94 -27.60 9.95
CA TYR E 31 -15.88 -26.94 11.26
C TYR E 31 -17.14 -26.09 11.57
N MET E 32 -17.41 -25.91 12.86
CA MET E 32 -18.50 -25.05 13.33
C MET E 32 -17.90 -23.97 14.23
N HIS E 33 -18.36 -22.74 14.07
CA HIS E 33 -17.85 -21.61 14.86
C HIS E 33 -18.98 -20.96 15.68
N TRP E 34 -18.61 -20.36 16.81
CA TRP E 34 -19.61 -19.79 17.71
C TRP E 34 -19.38 -18.31 17.98
N TYR E 35 -20.46 -17.56 17.97
CA TYR E 35 -20.42 -16.15 18.31
C TYR E 35 -21.31 -15.87 19.52
N GLN E 36 -20.89 -14.93 20.36
CA GLN E 36 -21.63 -14.49 21.53
C GLN E 36 -21.94 -13.01 21.33
N GLN E 37 -23.22 -12.64 21.38
CA GLN E 37 -23.60 -11.24 21.18
C GLN E 37 -24.32 -10.69 22.38
N LYS E 38 -23.71 -9.70 23.01
CA LYS E 38 -24.34 -8.96 24.09
C LYS E 38 -25.17 -7.82 23.52
N PRO E 39 -26.27 -7.47 24.18
CA PRO E 39 -27.16 -6.41 23.71
C PRO E 39 -26.46 -5.13 23.27
N GLY E 40 -26.79 -4.68 22.06
CA GLY E 40 -26.21 -3.46 21.49
C GLY E 40 -24.86 -3.66 20.83
N LYS E 41 -24.18 -4.78 21.15
CA LYS E 41 -22.80 -5.00 20.72
C LYS E 41 -22.76 -5.81 19.44
N ALA E 42 -21.59 -5.82 18.80
CA ALA E 42 -21.33 -6.70 17.70
C ALA E 42 -21.04 -8.07 18.28
N PRO E 43 -21.31 -9.12 17.52
CA PRO E 43 -20.88 -10.44 17.91
C PRO E 43 -19.39 -10.51 18.13
N LYS E 44 -18.98 -11.21 19.19
CA LYS E 44 -17.58 -11.49 19.47
C LYS E 44 -17.35 -12.96 19.22
N LEU E 45 -16.29 -13.30 18.49
CA LEU E 45 -15.92 -14.70 18.31
C LEU E 45 -15.64 -15.33 19.65
N LEU E 46 -16.21 -16.52 19.85
CA LEU E 46 -16.17 -17.24 21.10
C LEU E 46 -15.38 -18.57 20.92
N ILE E 47 -15.86 -19.42 20.01
CA ILE E 47 -15.17 -20.65 19.62
C ILE E 47 -14.97 -20.64 18.11
N TYR E 48 -13.81 -21.12 17.68
CA TYR E 48 -13.59 -21.41 16.27
C TYR E 48 -13.03 -22.81 16.07
N ASP E 49 -13.22 -23.34 14.86
CA ASP E 49 -12.79 -24.69 14.51
C ASP E 49 -13.37 -25.71 15.49
N THR E 50 -14.68 -25.58 15.73
CA THR E 50 -15.46 -26.49 16.58
C THR E 50 -15.20 -26.29 18.07
N SER E 51 -13.93 -26.18 18.46
CA SER E 51 -13.56 -26.15 19.88
C SER E 51 -12.25 -25.46 20.25
N LYS E 52 -11.67 -24.67 19.34
CA LYS E 52 -10.59 -23.78 19.73
C LYS E 52 -11.24 -22.50 20.24
N LEU E 53 -10.84 -22.02 21.42
CA LEU E 53 -11.41 -20.77 21.95
C LEU E 53 -10.56 -19.53 21.62
N ALA E 54 -11.23 -18.39 21.47
CA ALA E 54 -10.60 -17.11 21.11
C ALA E 54 -10.05 -16.39 22.32
N SER E 55 -9.22 -15.38 22.09
CA SER E 55 -8.53 -14.66 23.17
C SER E 55 -9.49 -13.92 24.09
N GLY E 56 -9.10 -13.77 25.35
CA GLY E 56 -9.95 -13.14 26.36
C GLY E 56 -11.03 -14.07 26.93
N VAL E 57 -11.30 -15.19 26.26
CA VAL E 57 -12.41 -16.07 26.63
C VAL E 57 -12.04 -17.01 27.80
N PRO E 58 -12.91 -17.07 28.83
CA PRO E 58 -12.72 -17.96 29.98
C PRO E 58 -12.75 -19.46 29.67
N SER E 59 -12.28 -20.25 30.63
CA SER E 59 -12.18 -21.70 30.46
C SER E 59 -13.55 -22.39 30.45
N ARG E 60 -14.53 -21.77 31.10
CA ARG E 60 -15.85 -22.38 31.22
C ARG E 60 -16.56 -22.65 29.89
N PHE E 61 -16.09 -22.01 28.81
CA PHE E 61 -16.62 -22.25 27.46
C PHE E 61 -15.85 -23.34 26.72
N SER E 62 -16.58 -24.20 26.00
CA SER E 62 -16.01 -25.28 25.18
C SER E 62 -16.91 -25.62 23.97
N GLY E 63 -16.41 -26.50 23.10
CA GLY E 63 -17.16 -26.94 21.91
C GLY E 63 -16.94 -28.41 21.58
N SER E 64 -17.79 -28.95 20.71
CA SER E 64 -17.71 -30.35 20.26
C SER E 64 -18.44 -30.58 18.93
N GLY E 65 -18.34 -31.79 18.40
CA GLY E 65 -19.17 -32.18 17.24
C GLY E 65 -18.44 -32.59 15.98
N SER E 66 -19.21 -33.17 15.06
CA SER E 66 -18.69 -33.75 13.82
C SER E 66 -19.81 -33.86 12.80
N GLY E 67 -19.56 -33.35 11.60
CA GLY E 67 -20.47 -33.56 10.49
C GLY E 67 -21.69 -32.66 10.54
N THR E 68 -22.75 -33.12 11.18
CA THR E 68 -24.00 -32.35 11.24
C THR E 68 -24.42 -31.93 12.64
N ALA E 69 -24.03 -32.66 13.68
CA ALA E 69 -24.37 -32.25 15.05
C ALA E 69 -23.17 -31.61 15.76
N PHE E 70 -23.38 -30.43 16.33
CA PHE E 70 -22.33 -29.71 17.05
C PHE E 70 -22.91 -29.14 18.32
N THR E 71 -22.11 -29.04 19.38
CA THR E 71 -22.57 -28.42 20.64
C THR E 71 -21.63 -27.36 21.21
N LEU E 72 -22.22 -26.47 22.00
CA LEU E 72 -21.49 -25.45 22.76
C LEU E 72 -21.82 -25.68 24.22
N THR E 73 -20.82 -25.54 25.09
CA THR E 73 -21.00 -25.82 26.51
C THR E 73 -20.35 -24.78 27.41
N ILE E 74 -21.13 -24.26 28.37
CA ILE E 74 -20.63 -23.41 29.44
C ILE E 74 -20.66 -24.23 30.72
N SER E 75 -19.49 -24.50 31.30
CA SER E 75 -19.39 -25.46 32.40
C SER E 75 -19.85 -24.90 33.75
N SER E 76 -19.74 -23.58 33.93
CA SER E 76 -20.13 -22.94 35.20
C SER E 76 -20.64 -21.52 34.97
N LEU E 77 -21.86 -21.44 34.47
CA LEU E 77 -22.49 -20.19 34.07
C LEU E 77 -22.22 -19.01 35.02
N GLN E 78 -21.69 -17.92 34.47
CA GLN E 78 -21.52 -16.66 35.19
C GLN E 78 -22.60 -15.67 34.76
N PRO E 79 -22.81 -14.61 35.54
CA PRO E 79 -23.83 -13.63 35.16
C PRO E 79 -23.48 -12.90 33.87
N ASP E 80 -22.18 -12.73 33.61
CA ASP E 80 -21.71 -12.05 32.41
C ASP E 80 -21.91 -12.88 31.14
N ASP E 81 -22.34 -14.13 31.27
CA ASP E 81 -22.57 -14.97 30.09
C ASP E 81 -23.93 -14.77 29.44
N PHE E 82 -24.77 -13.91 30.01
CA PHE E 82 -26.01 -13.49 29.38
C PHE E 82 -25.73 -12.91 27.99
N ALA E 83 -26.25 -13.59 26.96
CA ALA E 83 -26.06 -13.19 25.57
C ALA E 83 -26.94 -14.02 24.63
N THR E 84 -26.98 -13.61 23.36
CA THR E 84 -27.49 -14.46 22.29
C THR E 84 -26.31 -15.16 21.62
N TYR E 85 -26.24 -16.48 21.77
CA TYR E 85 -25.18 -17.26 21.14
C TYR E 85 -25.64 -17.78 19.76
N TYR E 86 -24.78 -17.60 18.76
CA TYR E 86 -25.03 -18.08 17.40
C TYR E 86 -23.96 -19.07 16.96
N CYS E 87 -24.38 -20.12 16.25
CA CYS E 87 -23.41 -20.95 15.52
C CYS E 87 -23.26 -20.36 14.12
N PHE E 88 -22.23 -20.85 13.41
CA PHE E 88 -21.85 -20.29 12.11
C PHE E 88 -20.96 -21.26 11.31
N GLN E 89 -21.32 -21.47 10.05
CA GLN E 89 -20.52 -22.32 9.18
C GLN E 89 -19.87 -21.46 8.11
N GLY E 90 -18.67 -21.89 7.69
CA GLY E 90 -17.94 -21.21 6.63
C GLY E 90 -17.44 -22.18 5.59
N SER E 91 -17.93 -23.42 5.64
CA SER E 91 -17.48 -24.48 4.74
C SER E 91 -18.07 -24.33 3.34
N GLY E 92 -19.28 -23.80 3.26
CA GLY E 92 -19.96 -23.60 1.97
C GLY E 92 -20.53 -22.19 1.87
N TYR E 93 -20.24 -21.52 0.77
CA TYR E 93 -20.98 -20.33 0.37
C TYR E 93 -22.40 -20.75 0.00
N PRO E 94 -23.42 -20.00 0.46
CA PRO E 94 -23.35 -18.82 1.31
C PRO E 94 -23.06 -19.17 2.75
N PHE E 95 -22.22 -18.40 3.42
CA PHE E 95 -22.02 -18.55 4.86
C PHE E 95 -23.36 -18.38 5.55
N THR E 96 -23.60 -19.15 6.61
CA THR E 96 -24.88 -19.11 7.33
C THR E 96 -24.67 -19.16 8.84
N PHE E 97 -25.54 -18.44 9.56
CA PHE E 97 -25.60 -18.48 11.02
C PHE E 97 -26.79 -19.28 11.52
N GLY E 98 -26.70 -19.84 12.72
CA GLY E 98 -27.88 -20.42 13.36
C GLY E 98 -28.92 -19.34 13.69
N GLY E 99 -30.08 -19.76 14.20
CA GLY E 99 -31.13 -18.82 14.55
C GLY E 99 -30.90 -18.13 15.89
N GLY E 100 -29.85 -18.53 16.59
CA GLY E 100 -29.50 -17.98 17.89
C GLY E 100 -30.11 -18.76 19.03
N THR E 101 -29.44 -18.70 20.19
CA THR E 101 -30.01 -19.14 21.47
C THR E 101 -29.82 -18.05 22.53
N LYS E 102 -30.92 -17.50 23.03
CA LYS E 102 -30.84 -16.50 24.10
C LYS E 102 -30.63 -17.19 25.44
N VAL E 103 -29.52 -16.90 26.10
CA VAL E 103 -29.27 -17.36 27.47
C VAL E 103 -29.65 -16.29 28.50
N GLU E 104 -30.67 -16.60 29.30
CA GLU E 104 -31.12 -15.74 30.40
C GLU E 104 -30.68 -16.36 31.73
N ILE E 105 -30.48 -15.54 32.76
CA ILE E 105 -30.04 -16.02 34.06
C ILE E 105 -31.21 -16.11 35.04
N LYS E 106 -31.17 -17.15 35.87
CA LYS E 106 -32.07 -17.29 37.00
C LYS E 106 -31.34 -16.86 38.26
N ARG E 107 -32.03 -16.10 39.11
CA ARG E 107 -31.49 -15.69 40.39
C ARG E 107 -32.59 -15.51 41.44
N THR E 108 -32.19 -15.15 42.66
CA THR E 108 -33.14 -14.93 43.75
C THR E 108 -34.02 -13.73 43.46
N VAL E 109 -35.16 -13.66 44.12
CA VAL E 109 -36.08 -12.55 43.94
C VAL E 109 -35.47 -11.25 44.49
N ALA E 110 -35.63 -10.16 43.74
CA ALA E 110 -35.20 -8.82 44.16
C ALA E 110 -36.34 -7.84 43.93
N ALA E 111 -36.70 -7.10 44.96
CA ALA E 111 -37.80 -6.15 44.88
C ALA E 111 -37.40 -4.89 44.07
N PRO E 112 -38.34 -4.33 43.28
CA PRO E 112 -38.07 -3.07 42.55
C PRO E 112 -38.18 -1.81 43.41
N SER E 113 -37.12 -1.00 43.42
CA SER E 113 -37.24 0.41 43.84
C SER E 113 -38.15 1.10 42.83
N VAL E 114 -39.15 1.81 43.32
CA VAL E 114 -40.11 2.49 42.46
C VAL E 114 -40.06 4.00 42.66
N PHE E 115 -39.92 4.74 41.56
CA PHE E 115 -39.88 6.19 41.60
C PHE E 115 -40.88 6.72 40.58
N ILE E 116 -41.32 7.95 40.77
CA ILE E 116 -42.28 8.57 39.88
C ILE E 116 -41.83 10.01 39.57
N PHE E 117 -41.95 10.40 38.31
CA PHE E 117 -41.43 11.67 37.86
C PHE E 117 -42.54 12.42 37.19
N PRO E 118 -42.83 13.62 37.70
CA PRO E 118 -43.80 14.44 37.01
C PRO E 118 -43.24 15.05 35.73
N PRO E 119 -44.13 15.46 34.82
CA PRO E 119 -43.72 16.22 33.65
C PRO E 119 -43.08 17.56 34.01
N SER E 120 -41.97 17.85 33.34
CA SER E 120 -41.29 19.14 33.44
C SER E 120 -42.17 20.26 32.91
N ASP E 121 -41.96 21.47 33.43
CA ASP E 121 -42.64 22.65 32.90
C ASP E 121 -42.15 22.95 31.48
N GLU E 122 -40.86 22.70 31.21
CA GLU E 122 -40.34 22.71 29.84
C GLU E 122 -41.28 22.00 28.86
N GLN E 123 -41.55 20.72 29.11
CA GLN E 123 -42.42 19.92 28.24
C GLN E 123 -43.83 20.46 28.12
N LEU E 124 -44.36 20.93 29.24
CA LEU E 124 -45.71 21.48 29.28
C LEU E 124 -45.89 22.62 28.30
N LYS E 125 -44.92 23.51 28.18
CA LYS E 125 -45.04 24.66 27.25
C LYS E 125 -45.03 24.25 25.77
N SER E 126 -45.18 22.94 25.49
CA SER E 126 -45.23 22.40 24.12
C SER E 126 -46.46 21.49 23.81
N GLY E 127 -47.43 21.38 24.74
CA GLY E 127 -48.70 20.71 24.44
C GLY E 127 -48.91 19.26 24.91
N THR E 128 -47.86 18.61 25.39
CA THR E 128 -47.99 17.26 25.91
C THR E 128 -47.44 17.11 27.33
N ALA E 129 -47.91 16.08 28.02
CA ALA E 129 -47.39 15.69 29.32
C ALA E 129 -47.01 14.22 29.29
N SER E 130 -45.80 13.93 29.76
CA SER E 130 -45.40 12.56 29.97
C SER E 130 -45.06 12.38 31.44
N VAL E 131 -45.71 11.41 32.06
CA VAL E 131 -45.47 11.05 33.46
C VAL E 131 -44.69 9.74 33.45
N VAL E 132 -43.56 9.73 34.14
CA VAL E 132 -42.74 8.54 34.17
C VAL E 132 -42.69 7.90 35.54
N CYS E 133 -42.89 6.59 35.50
CA CYS E 133 -42.68 5.69 36.61
C CYS E 133 -41.48 4.78 36.33
N LEU E 134 -40.66 4.54 37.34
CA LEU E 134 -39.47 3.74 37.14
C LEU E 134 -39.46 2.59 38.13
N LEU E 135 -39.40 1.36 37.64
CA LEU E 135 -39.10 0.20 38.48
C LEU E 135 -37.64 -0.08 38.29
N ASN E 136 -36.89 -0.03 39.37
CA ASN E 136 -35.45 -0.18 39.29
C ASN E 136 -34.97 -1.45 39.97
N ASN E 137 -34.24 -2.27 39.21
CA ASN E 137 -33.48 -3.41 39.74
C ASN E 137 -34.29 -4.52 40.41
N PHE E 138 -35.05 -5.26 39.61
CA PHE E 138 -35.91 -6.31 40.14
C PHE E 138 -35.74 -7.61 39.36
N TYR E 139 -36.07 -8.73 40.03
CA TYR E 139 -36.20 -10.04 39.38
C TYR E 139 -37.30 -10.84 40.09
N PRO E 140 -38.13 -11.57 39.33
CA PRO E 140 -38.10 -11.81 37.89
C PRO E 140 -38.71 -10.70 37.07
N ARG E 141 -38.65 -10.85 35.75
CA ARG E 141 -39.03 -9.77 34.82
C ARG E 141 -40.48 -9.30 34.93
N GLU E 142 -41.40 -10.24 35.07
CA GLU E 142 -42.83 -9.96 34.96
C GLU E 142 -43.33 -9.05 36.10
N ALA E 143 -44.09 -8.01 35.72
CA ALA E 143 -44.67 -7.08 36.68
C ALA E 143 -45.90 -6.38 36.10
N LYS E 144 -46.88 -6.13 36.97
CA LYS E 144 -48.06 -5.35 36.64
C LYS E 144 -47.75 -3.96 37.15
N VAL E 145 -47.82 -2.99 36.24
CA VAL E 145 -47.73 -1.58 36.58
C VAL E 145 -48.97 -0.86 36.08
N GLN E 146 -49.79 -0.38 37.01
CA GLN E 146 -51.05 0.31 36.69
C GLN E 146 -51.01 1.79 37.01
N TRP E 147 -51.59 2.57 36.11
CA TRP E 147 -51.70 4.01 36.31
C TRP E 147 -53.08 4.36 36.81
N LYS E 148 -53.11 5.16 37.87
CA LYS E 148 -54.34 5.77 38.35
C LYS E 148 -54.23 7.28 38.32
N VAL E 149 -55.24 7.93 37.73
CA VAL E 149 -55.36 9.38 37.71
C VAL E 149 -56.65 9.71 38.44
N ASP E 150 -56.52 10.43 39.55
CA ASP E 150 -57.63 10.69 40.46
C ASP E 150 -58.42 9.40 40.72
N ASN E 151 -57.68 8.31 40.91
CA ASN E 151 -58.24 6.98 41.19
C ASN E 151 -58.96 6.30 40.01
N ALA E 152 -58.97 6.91 38.83
CA ALA E 152 -59.48 6.27 37.63
C ALA E 152 -58.34 5.49 36.97
N LEU E 153 -58.56 4.20 36.70
CA LEU E 153 -57.54 3.33 36.12
C LEU E 153 -57.42 3.59 34.63
N GLN E 154 -56.21 3.92 34.19
CA GLN E 154 -55.96 4.30 32.81
C GLN E 154 -55.77 3.07 31.93
N SER E 155 -56.09 3.20 30.65
CA SER E 155 -55.81 2.14 29.67
C SER E 155 -55.66 2.70 28.25
N GLY E 156 -54.70 2.16 27.49
CA GLY E 156 -54.51 2.52 26.11
C GLY E 156 -53.61 3.72 25.92
N ASN E 157 -53.08 4.25 27.03
CA ASN E 157 -52.29 5.48 27.02
C ASN E 157 -50.99 5.38 27.81
N SER E 158 -50.54 4.17 28.09
CA SER E 158 -49.19 3.97 28.62
C SER E 158 -48.46 2.86 27.88
N GLN E 159 -47.14 2.92 27.99
CA GLN E 159 -46.22 2.07 27.25
C GLN E 159 -45.10 1.67 28.20
N GLU E 160 -44.91 0.36 28.36
CA GLU E 160 -43.82 -0.17 29.18
C GLU E 160 -42.55 -0.32 28.32
N SER E 161 -41.40 -0.20 28.96
CA SER E 161 -40.14 -0.46 28.28
C SER E 161 -39.19 -1.02 29.31
N VAL E 162 -38.45 -2.05 28.94
CA VAL E 162 -37.66 -2.82 29.90
C VAL E 162 -36.26 -3.10 29.37
N THR E 163 -35.26 -2.94 30.23
CA THR E 163 -33.90 -3.24 29.85
C THR E 163 -33.69 -4.75 29.72
N GLU E 164 -32.64 -5.12 28.99
CA GLU E 164 -32.18 -6.50 28.98
C GLU E 164 -31.55 -6.75 30.37
N GLN E 165 -31.24 -8.00 30.69
CA GLN E 165 -30.73 -8.33 32.03
C GLN E 165 -29.43 -7.64 32.31
N ASP E 166 -29.23 -7.24 33.56
CA ASP E 166 -27.96 -6.64 33.93
C ASP E 166 -26.86 -7.71 33.93
N SER E 167 -25.70 -7.33 33.42
CA SER E 167 -24.59 -8.27 33.28
C SER E 167 -23.98 -8.66 34.62
N LYS E 168 -24.08 -7.77 35.62
CA LYS E 168 -23.41 -7.98 36.92
C LYS E 168 -24.32 -8.62 37.97
N ASP E 169 -25.57 -8.17 38.05
CA ASP E 169 -26.52 -8.67 39.06
C ASP E 169 -27.80 -9.31 38.48
N SER E 170 -27.91 -9.42 37.16
CA SER E 170 -28.98 -10.19 36.51
C SER E 170 -30.39 -9.65 36.73
N THR E 171 -30.51 -8.38 37.09
CA THR E 171 -31.82 -7.76 37.34
C THR E 171 -32.33 -7.04 36.12
N TYR E 172 -33.59 -6.64 36.19
CA TYR E 172 -34.20 -5.84 35.15
C TYR E 172 -34.55 -4.47 35.72
N SER E 173 -34.71 -3.48 34.87
CA SER E 173 -35.33 -2.24 35.24
C SER E 173 -36.36 -1.96 34.19
N LEU E 174 -37.35 -1.13 34.50
CA LEU E 174 -38.46 -0.86 33.59
C LEU E 174 -39.01 0.55 33.72
N SER E 175 -39.35 1.18 32.61
CA SER E 175 -40.00 2.47 32.62
C SER E 175 -41.42 2.32 32.15
N SER E 176 -42.37 2.94 32.85
CA SER E 176 -43.74 3.03 32.35
C SER E 176 -44.07 4.50 32.15
N THR E 177 -44.54 4.85 30.97
CA THR E 177 -44.74 6.22 30.57
C THR E 177 -46.19 6.41 30.19
N LEU E 178 -46.87 7.30 30.90
CA LEU E 178 -48.27 7.63 30.63
C LEU E 178 -48.30 8.94 29.86
N THR E 179 -49.01 9.01 28.74
CA THR E 179 -49.05 10.25 27.96
C THR E 179 -50.42 10.90 27.94
N LEU E 180 -50.47 12.18 28.31
CA LEU E 180 -51.72 12.93 28.28
C LEU E 180 -51.54 14.22 27.52
N SER E 181 -52.63 14.74 26.96
CA SER E 181 -52.66 16.10 26.46
C SER E 181 -52.42 17.01 27.68
N LYS E 182 -51.86 18.19 27.43
CA LYS E 182 -51.66 19.18 28.49
C LYS E 182 -52.98 19.48 29.20
N ALA E 183 -54.05 19.61 28.43
CA ALA E 183 -55.37 19.97 28.97
C ALA E 183 -55.82 18.91 29.98
N ASP E 184 -55.79 17.65 29.56
CA ASP E 184 -56.19 16.57 30.44
C ASP E 184 -55.33 16.53 31.71
N TYR E 185 -54.03 16.74 31.54
CA TYR E 185 -53.11 16.75 32.67
C TYR E 185 -53.45 17.83 33.71
N GLU E 186 -53.74 19.02 33.23
CA GLU E 186 -53.98 20.14 34.13
C GLU E 186 -55.25 19.99 34.95
N LYS E 187 -56.28 19.41 34.34
CA LYS E 187 -57.58 19.27 35.02
C LYS E 187 -57.64 18.14 36.07
N HIS E 188 -56.58 17.32 36.14
CA HIS E 188 -56.47 16.29 37.17
C HIS E 188 -55.35 16.61 38.17
N LYS E 189 -55.43 15.98 39.34
CA LYS E 189 -54.57 16.33 40.46
C LYS E 189 -53.66 15.19 40.91
N VAL E 190 -54.23 14.02 41.17
CA VAL E 190 -53.47 12.91 41.77
C VAL E 190 -52.98 11.91 40.73
N TYR E 191 -51.67 11.75 40.66
CA TYR E 191 -51.03 10.86 39.71
C TYR E 191 -50.28 9.78 40.47
N ALA E 192 -50.70 8.53 40.27
CA ALA E 192 -50.17 7.38 41.00
C ALA E 192 -49.67 6.23 40.10
N CYS E 193 -48.56 5.65 40.53
CA CYS E 193 -47.98 4.51 39.87
C CYS E 193 -48.10 3.34 40.83
N GLU E 194 -48.87 2.31 40.46
CA GLU E 194 -49.08 1.15 41.33
C GLU E 194 -48.44 -0.10 40.76
N VAL E 195 -47.56 -0.72 41.54
CA VAL E 195 -46.72 -1.80 41.03
C VAL E 195 -46.95 -3.11 41.79
N THR E 196 -47.22 -4.19 41.05
CA THR E 196 -47.26 -5.55 41.64
C THR E 196 -46.19 -6.46 41.05
N HIS E 197 -45.51 -7.16 41.95
CA HIS E 197 -44.34 -7.94 41.63
C HIS E 197 -44.11 -8.84 42.82
N GLN E 198 -43.68 -10.08 42.59
CA GLN E 198 -43.70 -11.06 43.67
C GLN E 198 -42.69 -10.81 44.81
N GLY E 199 -41.64 -10.03 44.53
CA GLY E 199 -40.65 -9.71 45.55
C GLY E 199 -41.04 -8.73 46.65
N LEU E 200 -42.28 -8.23 46.64
CA LEU E 200 -42.73 -7.26 47.64
C LEU E 200 -43.98 -7.72 48.38
N SER E 201 -44.10 -7.29 49.63
CA SER E 201 -45.20 -7.71 50.51
C SER E 201 -46.56 -7.58 49.80
N SER E 202 -46.78 -6.44 49.16
CA SER E 202 -48.02 -6.17 48.45
C SER E 202 -47.87 -4.94 47.55
N PRO E 203 -48.85 -4.71 46.66
CA PRO E 203 -48.79 -3.56 45.76
C PRO E 203 -48.23 -2.28 46.40
N VAL E 204 -47.29 -1.65 45.71
CA VAL E 204 -46.68 -0.39 46.13
C VAL E 204 -47.14 0.73 45.18
N THR E 205 -47.58 1.84 45.77
CA THR E 205 -47.98 3.01 45.01
C THR E 205 -46.96 4.11 45.25
N LYS E 206 -46.55 4.77 44.18
CA LYS E 206 -45.82 6.01 44.31
C LYS E 206 -46.69 7.07 43.68
N SER E 207 -46.73 8.25 44.27
CA SER E 207 -47.58 9.33 43.77
C SER E 207 -47.05 10.73 44.05
N PHE E 208 -47.61 11.67 43.31
CA PHE E 208 -47.42 13.08 43.58
C PHE E 208 -48.74 13.71 43.22
N ASN E 209 -48.88 15.00 43.46
CA ASN E 209 -49.96 15.71 42.83
C ASN E 209 -49.60 17.10 42.29
N ARG E 210 -49.95 17.34 41.01
CA ARG E 210 -50.32 18.67 40.45
C ARG E 210 -49.97 18.77 38.96
N LYS F 8 0.96 -31.56 2.00
CA LYS F 8 1.75 -30.77 1.00
C LYS F 8 3.25 -30.98 1.17
N ASP F 9 3.89 -31.58 0.16
CA ASP F 9 5.35 -31.55 0.07
C ASP F 9 5.82 -30.16 -0.42
N ALA F 10 4.90 -29.20 -0.50
CA ALA F 10 5.25 -27.78 -0.63
C ALA F 10 5.92 -27.26 0.65
N GLU F 11 6.20 -28.19 1.58
CA GLU F 11 7.25 -28.01 2.58
C GLU F 11 8.56 -27.64 1.89
N ARG F 12 8.97 -28.47 0.94
CA ARG F 12 10.17 -28.25 0.13
C ARG F 12 10.13 -26.96 -0.72
N ARG F 13 8.93 -26.47 -1.01
CA ARG F 13 8.76 -25.18 -1.67
C ARG F 13 9.43 -24.03 -0.90
N PHE F 14 9.65 -24.22 0.40
CA PHE F 14 10.36 -23.23 1.24
C PHE F 14 11.76 -23.66 1.65
N ASP F 15 12.00 -24.96 1.76
CA ASP F 15 13.37 -25.47 1.98
C ASP F 15 14.31 -24.74 1.03
N LYS F 16 13.93 -24.72 -0.25
CA LYS F 16 14.67 -24.05 -1.33
C LYS F 16 15.21 -22.66 -0.94
N PHE F 17 14.40 -21.85 -0.26
CA PHE F 17 14.79 -20.47 0.09
C PHE F 17 15.81 -20.38 1.21
N VAL F 18 15.83 -21.39 2.07
CA VAL F 18 16.78 -21.44 3.19
C VAL F 18 18.18 -21.93 2.74
N GLU F 19 18.26 -22.46 1.52
CA GLU F 19 19.56 -22.85 0.93
C GLU F 19 20.35 -21.60 0.55
N ALA F 20 19.68 -20.65 -0.11
CA ALA F 20 20.30 -19.41 -0.59
C ALA F 20 20.84 -18.55 0.56
N ALA F 21 20.12 -18.56 1.68
CA ALA F 21 20.58 -17.86 2.87
C ALA F 21 21.83 -18.53 3.41
N LYS F 22 21.74 -19.84 3.64
CA LYS F 22 22.82 -20.58 4.32
C LYS F 22 24.10 -20.69 3.50
N ASN F 23 23.97 -20.73 2.18
CA ASN F 23 25.12 -20.71 1.28
C ASN F 23 25.88 -19.40 1.36
N LYS F 24 25.14 -18.30 1.28
CA LYS F 24 25.73 -16.96 1.23
C LYS F 24 26.01 -16.38 2.62
N PHE F 25 25.56 -17.06 3.67
CA PHE F 25 25.96 -16.73 5.05
C PHE F 25 27.29 -17.41 5.44
N ASP F 26 27.68 -18.44 4.70
CA ASP F 26 28.95 -19.15 4.94
C ASP F 26 30.11 -18.61 4.09
N LYS F 27 29.82 -17.64 3.23
CA LYS F 27 30.86 -16.93 2.49
C LYS F 27 31.40 -15.78 3.34
N PHE F 28 30.52 -15.19 4.15
CA PHE F 28 30.93 -14.18 5.15
C PHE F 28 31.66 -14.84 6.33
N LYS F 29 31.34 -16.11 6.60
CA LYS F 29 32.10 -16.95 7.53
C LYS F 29 33.60 -16.96 7.19
N ALA F 30 33.92 -16.92 5.90
CA ALA F 30 35.31 -16.75 5.46
C ALA F 30 35.77 -15.30 5.70
N ALA F 31 35.84 -14.93 6.98
CA ALA F 31 36.34 -13.64 7.42
C ALA F 31 37.59 -13.86 8.26
N LEU F 32 37.44 -14.65 9.32
CA LEU F 32 38.57 -15.00 10.21
C LEU F 32 39.22 -16.31 9.75
N ASP F 36 42.56 -11.77 7.23
CA ASP F 36 43.03 -10.48 6.74
C ASP F 36 41.85 -9.67 6.18
N ILE F 37 41.03 -9.12 7.09
CA ILE F 37 39.93 -8.23 6.74
C ILE F 37 40.17 -6.83 7.32
N LYS F 38 40.58 -5.89 6.48
CA LYS F 38 41.04 -4.55 6.93
C LYS F 38 39.85 -3.66 7.33
N GLU F 39 40.15 -2.57 8.04
CA GLU F 39 39.11 -1.70 8.63
C GLU F 39 38.25 -0.96 7.59
N GLU F 40 38.86 -0.55 6.49
CA GLU F 40 38.15 0.16 5.42
C GLU F 40 37.05 -0.68 4.78
N ARG F 41 37.33 -1.98 4.57
CA ARG F 41 36.41 -2.88 3.85
C ARG F 41 35.86 -4.06 4.67
N ARG F 42 36.19 -4.13 5.97
CA ARG F 42 35.52 -5.05 6.91
C ARG F 42 34.39 -4.32 7.64
N LYS F 43 34.50 -2.99 7.71
CA LYS F 43 33.43 -2.14 8.22
C LYS F 43 32.16 -2.23 7.38
N ASP F 44 32.33 -2.49 6.07
CA ASP F 44 31.20 -2.54 5.13
C ASP F 44 30.44 -3.87 5.12
N MET F 45 30.96 -4.89 5.81
CA MET F 45 30.46 -6.27 5.65
C MET F 45 29.35 -6.65 6.65
N LYS F 46 29.24 -5.93 7.76
CA LYS F 46 28.11 -6.08 8.69
C LYS F 46 26.78 -5.59 8.06
N LYS F 47 26.89 -4.79 6.99
CA LYS F 47 25.72 -4.30 6.25
C LYS F 47 25.14 -5.37 5.33
N LEU F 48 26.00 -6.09 4.61
CA LEU F 48 25.54 -7.07 3.61
C LEU F 48 24.95 -8.36 4.21
N ALA F 49 25.30 -8.65 5.47
CA ALA F 49 24.67 -9.74 6.24
C ALA F 49 23.36 -9.28 6.88
N ARG F 50 23.13 -7.96 6.87
CA ARG F 50 21.83 -7.39 7.20
C ARG F 50 20.96 -7.27 5.94
N LYS F 51 21.59 -7.13 4.78
CA LYS F 51 20.88 -6.98 3.49
C LYS F 51 20.47 -8.30 2.84
N GLU F 52 21.01 -9.42 3.31
CA GLU F 52 20.55 -10.77 2.90
C GLU F 52 19.56 -11.35 3.94
N ALA F 53 19.53 -10.77 5.14
CA ALA F 53 18.42 -11.01 6.08
C ALA F 53 17.09 -10.50 5.52
N GLU F 54 17.15 -9.37 4.79
CA GLU F 54 16.00 -8.79 4.11
C GLU F 54 15.57 -9.63 2.90
N GLN F 55 16.49 -9.82 1.96
CA GLN F 55 16.21 -10.51 0.70
C GLN F 55 15.53 -11.88 0.88
N ALA F 56 15.88 -12.58 1.95
CA ALA F 56 15.38 -13.94 2.20
C ALA F 56 13.96 -14.00 2.81
N ARG F 57 13.71 -13.23 3.88
CA ARG F 57 12.35 -13.10 4.42
C ARG F 57 11.42 -12.68 3.30
N ARG F 58 11.83 -11.64 2.58
CA ARG F 58 11.10 -11.10 1.44
C ARG F 58 10.73 -12.17 0.41
N ALA F 59 11.69 -13.01 0.04
CA ALA F 59 11.46 -14.06 -0.95
C ALA F 59 10.53 -15.18 -0.46
N VAL F 60 10.61 -15.49 0.83
CA VAL F 60 9.71 -16.45 1.47
C VAL F 60 8.29 -15.91 1.42
N ARG F 61 8.15 -14.70 1.93
CA ARG F 61 6.86 -14.00 1.99
C ARG F 61 6.22 -13.88 0.61
N ASN F 62 6.99 -13.45 -0.39
CA ASN F 62 6.45 -13.30 -1.74
C ASN F 62 6.08 -14.61 -2.40
N ARG F 63 6.72 -15.70 -2.00
CA ARG F 63 6.35 -17.04 -2.46
C ARG F 63 5.07 -17.50 -1.73
N LEU F 64 4.97 -17.20 -0.45
CA LEU F 64 3.71 -17.42 0.30
C LEU F 64 2.48 -16.78 -0.39
N SER F 65 2.61 -15.53 -0.82
CA SER F 65 1.54 -14.84 -1.56
C SER F 65 1.08 -15.64 -2.75
N GLU F 66 2.04 -16.03 -3.59
CA GLU F 66 1.76 -16.73 -4.84
C GLU F 66 1.07 -18.07 -4.59
N LEU F 67 1.42 -18.72 -3.49
CA LEU F 67 0.84 -20.03 -3.15
C LEU F 67 -0.56 -19.90 -2.57
N LEU F 68 -0.77 -18.92 -1.70
CA LEU F 68 -2.12 -18.64 -1.24
C LEU F 68 -3.00 -18.24 -2.44
N SER F 69 -2.50 -17.32 -3.26
CA SER F 69 -3.19 -16.89 -4.49
C SER F 69 -3.55 -18.03 -5.44
N LYS F 70 -2.74 -19.08 -5.48
CA LYS F 70 -3.02 -20.24 -6.36
C LYS F 70 -4.05 -21.16 -5.71
N ILE F 71 -3.97 -21.29 -4.39
CA ILE F 71 -4.93 -22.07 -3.62
C ILE F 71 -6.34 -21.52 -3.79
N ASN F 72 -6.46 -20.19 -3.89
CA ASN F 72 -7.76 -19.58 -4.01
C ASN F 72 -8.34 -19.64 -5.43
N ASP F 73 -7.64 -20.30 -6.35
CA ASP F 73 -8.14 -20.50 -7.70
C ASP F 73 -8.62 -21.91 -7.94
N MET F 74 -7.99 -22.87 -7.28
CA MET F 74 -8.39 -24.27 -7.37
C MET F 74 -9.90 -24.43 -7.11
N PRO F 75 -10.58 -25.28 -7.91
CA PRO F 75 -12.02 -25.52 -7.75
C PRO F 75 -12.31 -26.57 -6.67
N ILE F 76 -12.39 -26.14 -5.42
CA ILE F 76 -12.44 -27.06 -4.28
C ILE F 76 -13.30 -26.47 -3.17
N THR F 77 -13.46 -27.20 -2.08
CA THR F 77 -14.21 -26.76 -0.93
C THR F 77 -13.41 -25.70 -0.18
N ASN F 78 -14.14 -24.81 0.50
CA ASN F 78 -13.53 -23.87 1.43
C ASN F 78 -12.64 -24.57 2.45
N ASP F 79 -13.06 -25.75 2.93
CA ASP F 79 -12.35 -26.44 4.00
C ASP F 79 -10.98 -26.92 3.54
N GLN F 80 -10.90 -27.37 2.30
CA GLN F 80 -9.63 -27.73 1.68
C GLN F 80 -8.71 -26.53 1.56
N LYS F 81 -9.26 -25.40 1.11
CA LYS F 81 -8.48 -24.17 1.03
C LYS F 81 -7.91 -23.82 2.40
N LYS F 82 -8.71 -24.02 3.44
CA LYS F 82 -8.25 -23.81 4.81
C LYS F 82 -7.22 -24.87 5.21
N LEU F 83 -7.43 -26.13 4.82
CA LEU F 83 -6.39 -27.16 5.02
C LEU F 83 -5.10 -26.69 4.36
N MET F 84 -5.16 -26.49 3.06
CA MET F 84 -3.99 -26.16 2.27
C MET F 84 -3.34 -24.86 2.71
N SER F 85 -4.15 -23.85 3.00
CA SER F 85 -3.61 -22.53 3.38
C SER F 85 -2.91 -22.53 4.73
N ASN F 86 -3.31 -23.44 5.62
CA ASN F 86 -2.71 -23.49 6.94
C ASN F 86 -1.36 -24.22 6.93
N ASP F 87 -1.26 -25.31 6.17
CA ASP F 87 0.03 -26.01 5.97
C ASP F 87 1.06 -25.03 5.42
N VAL F 88 0.69 -24.38 4.32
CA VAL F 88 1.53 -23.39 3.66
C VAL F 88 2.00 -22.31 4.64
N LEU F 89 1.08 -21.73 5.41
CA LEU F 89 1.44 -20.73 6.41
C LEU F 89 2.44 -21.32 7.42
N LYS F 90 2.17 -22.56 7.85
CA LYS F 90 2.98 -23.22 8.88
C LYS F 90 4.42 -23.44 8.40
N PHE F 91 4.57 -23.91 7.17
CA PHE F 91 5.89 -24.16 6.59
C PHE F 91 6.59 -22.84 6.27
N ALA F 92 5.83 -21.83 5.89
CA ALA F 92 6.39 -20.51 5.58
C ALA F 92 7.01 -19.86 6.82
N ALA F 93 6.35 -20.07 7.97
CA ALA F 93 6.83 -19.52 9.23
C ALA F 93 8.05 -20.27 9.76
N GLU F 94 8.07 -21.60 9.57
CA GLU F 94 9.23 -22.39 9.95
C GLU F 94 10.51 -21.94 9.22
N ALA F 95 10.36 -21.59 7.94
CA ALA F 95 11.48 -21.06 7.14
C ALA F 95 11.88 -19.68 7.62
N GLU F 96 10.90 -18.87 8.01
CA GLU F 96 11.16 -17.56 8.60
C GLU F 96 11.96 -17.69 9.89
N LYS F 97 11.53 -18.61 10.78
CA LYS F 97 12.17 -18.82 12.08
C LYS F 97 13.64 -19.24 11.96
N LYS F 98 13.92 -20.15 11.02
CA LYS F 98 15.27 -20.67 10.83
C LYS F 98 16.22 -19.61 10.26
N ILE F 99 15.71 -18.73 9.41
CA ILE F 99 16.51 -17.62 8.84
C ILE F 99 17.00 -16.69 9.95
N GLU F 100 16.12 -16.39 10.91
CA GLU F 100 16.46 -15.53 12.06
C GLU F 100 17.70 -16.06 12.77
N ALA F 101 17.73 -17.36 13.01
CA ALA F 101 18.81 -18.02 13.75
C ALA F 101 20.16 -17.96 13.03
N LEU F 102 20.14 -17.86 11.70
CA LEU F 102 21.38 -17.76 10.93
C LEU F 102 22.02 -16.37 11.01
N ALA F 103 21.23 -15.34 11.29
CA ALA F 103 21.75 -13.98 11.51
C ALA F 103 22.29 -13.79 12.93
N ALA F 104 21.71 -14.51 13.89
CA ALA F 104 22.12 -14.40 15.30
C ALA F 104 23.57 -14.86 15.56
N ASP F 105 24.06 -15.80 14.76
CA ASP F 105 25.46 -16.23 14.82
C ASP F 105 26.36 -15.38 13.92
N ALA F 106 25.75 -14.65 12.97
CA ALA F 106 26.48 -13.74 12.07
C ALA F 106 26.74 -12.36 12.70
N GLU F 107 25.92 -11.97 13.66
CA GLU F 107 26.10 -10.70 14.37
C GLU F 107 27.39 -10.70 15.20
N ASP F 108 27.62 -11.79 15.92
CA ASP F 108 28.72 -11.88 16.88
C ASP F 108 30.06 -12.28 16.24
N LYS F 109 30.03 -12.75 14.99
CA LYS F 109 31.21 -13.35 14.34
C LYS F 109 32.20 -12.32 13.77
N PHE F 110 32.14 -12.09 12.46
CA PHE F 110 33.07 -11.18 11.79
C PHE F 110 32.54 -10.77 10.42
C13 1PE G . -41.21 3.75 11.27
C23 1PE G . -39.73 3.38 11.44
OH4 1PE G . -41.46 5.16 11.39
C14 1PE G . -42.70 6.67 9.88
C24 1PE G . -42.76 5.58 10.95
OH5 1PE G . -43.86 6.70 9.03
C15 1PE G . -44.64 6.46 6.74
C25 1PE G . -43.75 5.89 7.84
OH6 1PE G . -44.65 5.62 5.57
C16 1PE G . -45.02 3.30 4.89
C26 1PE G . -45.57 4.51 5.64
OH7 1PE G . -45.09 2.12 5.72
#